data_5SA8
#
_entry.id   5SA8
#
_cell.length_a   150.160
_cell.length_b   150.160
_cell.length_c   111.857
_cell.angle_alpha   90.000
_cell.angle_beta   90.000
_cell.angle_gamma   120.000
#
_symmetry.space_group_name_H-M   'P 63'
#
loop_
_entity.id
_entity.type
_entity.pdbx_description
1 polymer 'Uridylate-specific endoribonuclease'
2 non-polymer 3-chloro-N-(1-hydroxy-2-methylpropan-2-yl)benzamide
3 water water
#
_entity_poly.entity_id   1
_entity_poly.type   'polypeptide(L)'
_entity_poly.pdbx_seq_one_letter_code
;GAMSLENVAFNVVNKGHFDGQQGEVPVSIINNTVYTKVDGVDVELFENKTTLPVNVAFELWAKRNIKPVPEVKILNNLGV
DIAANTVIWDYKRDAPAHISTIGVCSMTDIAKKPTETICAPLTVFFDGRVDGQVDLFRNARNGVLITEGSVKGLQPSVGP
KQASLNGVTLIGEAVKTQFNYYKKVDGVVQQLPETYFTQSRNLQEFKPRSQMEIDFLELAMDEFIERYKLEGYAFEHIVY
GDFSHSQLGGLHLLIGLAKRFKESPFELEDFIPMDSTVKNYFITDAQTGSSKCVCSVIDLLLDDFVEIIKSQDLSVVSKV
VKVTIDYTEISFMLWCKDGHVETFYPKLQ
;
_entity_poly.pdbx_strand_id   A,B
#
loop_
_chem_comp.id
_chem_comp.type
_chem_comp.name
_chem_comp.formula
JOV non-polymer 3-chloro-N-(1-hydroxy-2-methylpropan-2-yl)benzamide 'C11 H14 Cl N O2'
#
# COMPACT_ATOMS: atom_id res chain seq x y z
N ALA A 2 33.12 -14.99 -5.55
CA ALA A 2 34.52 -14.70 -5.95
C ALA A 2 34.53 -13.49 -6.90
N MET A 3 34.41 -12.29 -6.31
CA MET A 3 34.39 -11.02 -7.02
C MET A 3 35.78 -10.59 -7.53
N SER A 4 35.84 -10.20 -8.81
CA SER A 4 37.07 -9.75 -9.43
C SER A 4 36.81 -8.75 -10.53
N LEU A 5 37.85 -7.99 -10.91
CA LEU A 5 37.78 -7.03 -12.00
C LEU A 5 37.50 -7.77 -13.31
N GLU A 6 38.18 -8.89 -13.54
CA GLU A 6 38.05 -9.68 -14.75
C GLU A 6 36.68 -10.35 -14.88
N ASN A 7 36.06 -10.68 -13.74
CA ASN A 7 34.74 -11.25 -13.73
C ASN A 7 33.69 -10.13 -13.98
N VAL A 8 33.89 -8.94 -13.42
CA VAL A 8 32.97 -7.81 -13.64
C VAL A 8 32.97 -7.47 -15.15
N ALA A 9 34.16 -7.48 -15.76
CA ALA A 9 34.40 -7.22 -17.18
C ALA A 9 33.79 -8.30 -18.06
N PHE A 10 33.88 -9.58 -17.65
CA PHE A 10 33.26 -10.69 -18.34
C PHE A 10 31.74 -10.46 -18.40
N ASN A 11 31.14 -10.08 -17.27
CA ASN A 11 29.71 -9.83 -17.21
C ASN A 11 29.32 -8.68 -18.11
N VAL A 12 30.07 -7.56 -18.09
CA VAL A 12 29.77 -6.41 -18.93
C VAL A 12 29.74 -6.81 -20.42
N VAL A 13 30.81 -7.48 -20.89
CA VAL A 13 30.99 -7.95 -22.25
C VAL A 13 29.92 -8.96 -22.67
N ASN A 14 29.61 -9.96 -21.83
CA ASN A 14 28.66 -11.00 -22.19
C ASN A 14 27.19 -10.78 -21.84
N LYS A 15 26.89 -10.00 -20.78
CA LYS A 15 25.53 -9.77 -20.30
C LYS A 15 25.05 -8.32 -20.37
N GLY A 16 25.91 -7.39 -20.81
CA GLY A 16 25.54 -5.99 -20.87
C GLY A 16 25.63 -5.22 -19.56
N HIS A 17 25.90 -5.93 -18.46
CA HIS A 17 26.01 -5.42 -17.11
C HIS A 17 26.41 -6.58 -16.17
N PHE A 18 26.62 -6.30 -14.86
CA PHE A 18 26.93 -7.37 -13.92
C PHE A 18 25.66 -8.23 -13.72
N ASP A 19 25.78 -9.53 -13.95
CA ASP A 19 24.68 -10.48 -13.82
C ASP A 19 25.05 -11.74 -13.00
N GLY A 20 26.15 -11.67 -12.26
CA GLY A 20 26.60 -12.78 -11.41
C GLY A 20 27.11 -14.00 -12.14
N GLN A 21 27.30 -13.90 -13.46
CA GLN A 21 27.80 -15.00 -14.27
C GLN A 21 29.25 -15.26 -14.01
N GLN A 22 29.68 -16.50 -14.11
CA GLN A 22 31.08 -16.87 -13.90
C GLN A 22 31.86 -16.68 -15.17
N GLY A 23 33.14 -16.33 -15.05
CA GLY A 23 33.99 -16.15 -16.21
C GLY A 23 34.89 -14.95 -16.10
N GLU A 24 35.96 -14.92 -16.89
CA GLU A 24 36.91 -13.83 -16.86
C GLU A 24 37.34 -13.47 -18.26
N VAL A 25 37.48 -12.16 -18.54
CA VAL A 25 38.04 -11.64 -19.78
C VAL A 25 39.31 -10.85 -19.41
N PRO A 26 40.31 -10.78 -20.30
CA PRO A 26 41.51 -9.99 -19.95
C PRO A 26 41.18 -8.50 -19.95
N VAL A 27 41.63 -7.82 -18.89
CA VAL A 27 41.35 -6.39 -18.71
C VAL A 27 42.64 -5.63 -18.56
N SER A 28 42.68 -4.41 -19.09
CA SER A 28 43.79 -3.49 -18.87
C SER A 28 43.24 -2.14 -18.41
N ILE A 29 43.88 -1.57 -17.41
CA ILE A 29 43.49 -0.28 -16.88
C ILE A 29 44.54 0.74 -17.24
N ILE A 30 44.13 1.83 -17.91
CA ILE A 30 45.08 2.86 -18.27
C ILE A 30 44.32 4.18 -18.19
N ASN A 31 44.93 5.32 -17.85
N ASN A 31 44.90 4.86 -17.19
CA ASN A 31 44.29 6.67 -17.89
CA ASN A 31 44.59 6.07 -16.50
C ASN A 31 42.71 6.77 -17.67
C ASN A 31 43.25 5.85 -15.85
N ASN A 32 42.21 6.37 -16.46
CA ASN A 32 40.83 6.30 -15.98
C ASN A 32 39.90 5.51 -16.87
N THR A 33 40.46 4.61 -17.68
CA THR A 33 39.66 3.82 -18.59
C THR A 33 39.93 2.32 -18.40
N VAL A 34 38.86 1.54 -18.53
CA VAL A 34 38.94 0.10 -18.48
C VAL A 34 38.81 -0.40 -19.92
N TYR A 35 39.75 -1.27 -20.32
CA TYR A 35 39.77 -1.88 -21.62
C TYR A 35 39.71 -3.40 -21.49
N THR A 36 39.31 -4.06 -22.57
CA THR A 36 39.33 -5.50 -22.69
C THR A 36 39.91 -5.87 -24.04
N LYS A 37 40.65 -6.98 -24.09
CA LYS A 37 41.22 -7.45 -25.33
C LYS A 37 40.18 -8.22 -26.13
N VAL A 38 39.87 -7.77 -27.36
CA VAL A 38 38.94 -8.46 -28.24
C VAL A 38 39.68 -8.71 -29.52
N ASP A 39 40.14 -9.96 -29.68
CA ASP A 39 40.88 -10.41 -30.84
C ASP A 39 42.14 -9.61 -31.04
N GLY A 40 42.93 -9.54 -29.98
CA GLY A 40 44.21 -8.85 -30.05
C GLY A 40 44.21 -7.35 -29.94
N VAL A 41 43.03 -6.67 -29.91
CA VAL A 41 43.00 -5.21 -29.77
C VAL A 41 42.18 -4.76 -28.57
N ASP A 42 42.55 -3.63 -27.95
CA ASP A 42 41.84 -3.11 -26.81
C ASP A 42 40.57 -2.38 -27.16
N VAL A 43 39.50 -2.71 -26.48
CA VAL A 43 38.20 -2.12 -26.68
C VAL A 43 37.82 -1.49 -25.36
N GLU A 44 37.43 -0.23 -25.38
CA GLU A 44 37.03 0.50 -24.19
C GLU A 44 35.70 0.00 -23.65
N LEU A 45 35.65 -0.35 -22.36
CA LEU A 45 34.44 -0.79 -21.70
C LEU A 45 33.85 0.31 -20.81
N PHE A 46 34.72 1.15 -20.21
CA PHE A 46 34.25 2.14 -19.27
C PHE A 46 35.25 3.28 -19.12
N GLU A 47 34.73 4.52 -19.06
CA GLU A 47 35.58 5.67 -18.77
C GLU A 47 35.12 6.26 -17.46
N ASN A 48 36.02 6.30 -16.49
CA ASN A 48 35.72 6.78 -15.17
C ASN A 48 35.57 8.28 -15.15
N LYS A 49 34.32 8.75 -14.91
CA LYS A 49 34.03 10.17 -14.74
C LYS A 49 33.81 10.52 -13.23
N THR A 50 33.99 9.54 -12.34
CA THR A 50 33.76 9.64 -10.89
C THR A 50 35.03 10.09 -10.14
N THR A 51 34.90 10.37 -8.85
CA THR A 51 36.03 10.68 -7.99
C THR A 51 36.54 9.42 -7.24
N LEU A 52 36.07 8.23 -7.64
CA LEU A 52 36.45 6.94 -7.06
C LEU A 52 37.55 6.35 -7.93
N PRO A 53 38.30 5.35 -7.42
CA PRO A 53 39.28 4.66 -8.27
C PRO A 53 38.56 3.99 -9.46
N VAL A 54 39.20 4.01 -10.64
CA VAL A 54 38.69 3.52 -11.92
C VAL A 54 38.04 2.15 -11.84
N ASN A 55 38.73 1.14 -11.26
CA ASN A 55 38.22 -0.23 -11.13
C ASN A 55 37.02 -0.32 -10.19
N VAL A 56 36.98 0.55 -9.18
CA VAL A 56 35.89 0.64 -8.23
C VAL A 56 34.66 1.23 -8.92
N ALA A 57 34.81 2.38 -9.61
CA ALA A 57 33.68 2.98 -10.34
C ALA A 57 33.12 2.03 -11.40
N PHE A 58 34.01 1.23 -12.05
CA PHE A 58 33.64 0.27 -13.07
C PHE A 58 32.71 -0.79 -12.48
N GLU A 59 33.06 -1.34 -11.32
CA GLU A 59 32.25 -2.35 -10.68
C GLU A 59 30.89 -1.80 -10.23
N LEU A 60 30.86 -0.56 -9.71
CA LEU A 60 29.60 0.04 -9.28
C LEU A 60 28.71 0.35 -10.46
N TRP A 61 29.29 0.82 -11.56
CA TRP A 61 28.52 1.06 -12.78
C TRP A 61 27.97 -0.29 -13.32
N ALA A 62 28.81 -1.33 -13.39
CA ALA A 62 28.35 -2.64 -13.83
C ALA A 62 27.22 -3.18 -12.93
N LYS A 63 27.29 -2.89 -11.61
CA LYS A 63 26.31 -3.34 -10.62
C LYS A 63 25.12 -2.37 -10.41
N ARG A 64 24.95 -1.41 -11.29
CA ARG A 64 23.87 -0.45 -11.27
C ARG A 64 22.51 -1.10 -11.36
N ASN A 65 21.51 -0.50 -10.73
CA ASN A 65 20.14 -0.99 -10.78
C ASN A 65 19.62 -0.70 -12.20
N ILE A 66 19.25 -1.76 -12.92
CA ILE A 66 18.72 -1.68 -14.28
C ILE A 66 17.18 -1.82 -14.32
N LYS A 67 16.50 -1.63 -13.17
CA LYS A 67 15.05 -1.63 -13.12
C LYS A 67 14.65 -0.15 -13.05
N PRO A 68 13.40 0.23 -13.38
CA PRO A 68 13.01 1.64 -13.24
C PRO A 68 13.15 2.05 -11.79
N VAL A 69 13.98 3.05 -11.49
CA VAL A 69 14.19 3.49 -10.11
C VAL A 69 13.79 4.94 -9.93
N PRO A 70 13.54 5.41 -8.68
CA PRO A 70 13.26 6.84 -8.50
C PRO A 70 14.40 7.72 -9.07
N GLU A 71 14.06 8.92 -9.57
CA GLU A 71 15.06 9.82 -10.08
C GLU A 71 15.86 10.36 -8.90
N VAL A 72 17.17 10.50 -9.08
CA VAL A 72 18.10 10.95 -8.05
C VAL A 72 17.62 12.22 -7.31
N LYS A 73 17.00 13.21 -8.00
CA LYS A 73 16.40 14.37 -7.31
C LYS A 73 15.41 13.97 -6.22
N ILE A 74 14.52 13.00 -6.48
CA ILE A 74 13.56 12.52 -5.49
C ILE A 74 14.28 11.91 -4.27
N LEU A 75 15.24 11.02 -4.52
CA LEU A 75 16.01 10.36 -3.48
C LEU A 75 16.77 11.35 -2.62
N ASN A 76 17.30 12.40 -3.23
CA ASN A 76 18.04 13.45 -2.57
C ASN A 76 17.09 14.27 -1.71
N ASN A 77 15.92 14.63 -2.29
CA ASN A 77 14.92 15.41 -1.56
C ASN A 77 14.38 14.66 -0.36
N LEU A 78 14.39 13.32 -0.41
CA LEU A 78 13.95 12.47 0.69
C LEU A 78 15.07 12.11 1.67
N GLY A 79 16.25 12.68 1.51
CA GLY A 79 17.37 12.42 2.42
C GLY A 79 18.06 11.08 2.30
N VAL A 80 17.99 10.41 1.12
CA VAL A 80 18.64 9.11 0.98
C VAL A 80 20.17 9.21 0.98
N ASP A 81 20.80 8.48 1.89
CA ASP A 81 22.26 8.46 2.02
C ASP A 81 22.89 7.31 1.29
N ILE A 82 22.23 6.16 1.27
CA ILE A 82 22.79 4.92 0.74
C ILE A 82 21.67 4.00 0.28
N ALA A 83 21.95 3.05 -0.62
CA ALA A 83 20.95 2.09 -1.09
C ALA A 83 21.21 0.72 -0.49
N ALA A 84 20.14 -0.06 -0.24
CA ALA A 84 20.28 -1.43 0.27
C ALA A 84 20.51 -2.41 -0.87
N ASN A 85 21.73 -2.95 -0.95
CA ASN A 85 22.16 -4.01 -1.86
C ASN A 85 21.94 -3.75 -3.34
N THR A 86 22.12 -2.52 -3.77
CA THR A 86 22.02 -2.10 -5.16
C THR A 86 22.81 -0.79 -5.30
N VAL A 87 23.00 -0.32 -6.56
CA VAL A 87 23.65 0.95 -6.82
C VAL A 87 22.70 1.77 -7.65
N ILE A 88 22.34 2.96 -7.18
CA ILE A 88 21.57 3.88 -7.98
C ILE A 88 22.61 4.66 -8.75
N TRP A 89 22.64 4.42 -10.06
CA TRP A 89 23.58 5.15 -10.89
C TRP A 89 22.99 6.50 -11.27
N ASP A 90 23.77 7.56 -11.05
CA ASP A 90 23.42 8.91 -11.37
C ASP A 90 23.94 9.21 -12.79
N TYR A 91 23.05 9.14 -13.76
CA TYR A 91 23.41 9.35 -15.15
C TYR A 91 23.65 10.81 -15.50
N LYS A 92 23.14 11.75 -14.71
CA LYS A 92 23.39 13.17 -14.93
C LYS A 92 24.84 13.52 -14.51
N ARG A 93 25.40 12.80 -13.53
CA ARG A 93 26.75 13.00 -13.06
C ARG A 93 27.73 11.93 -13.55
N ASP A 94 27.25 10.86 -14.21
CA ASP A 94 28.08 9.71 -14.61
C ASP A 94 28.82 9.13 -13.40
N ALA A 95 28.11 9.01 -12.29
CA ALA A 95 28.70 8.55 -11.05
C ALA A 95 27.67 7.91 -10.19
N PRO A 96 28.10 7.08 -9.20
CA PRO A 96 27.13 6.52 -8.24
C PRO A 96 26.41 7.67 -7.52
N ALA A 97 25.11 7.52 -7.27
CA ALA A 97 24.32 8.54 -6.61
C ALA A 97 24.69 8.69 -5.13
N HIS A 98 25.30 7.65 -4.52
CA HIS A 98 25.69 7.57 -3.11
C HIS A 98 27.16 7.14 -2.99
N ILE A 99 27.86 7.64 -1.99
CA ILE A 99 29.28 7.39 -1.73
C ILE A 99 29.60 5.94 -1.44
N SER A 100 28.83 5.37 -0.47
CA SER A 100 29.04 4.03 0.00
C SER A 100 27.95 3.08 -0.49
N THR A 101 28.23 1.78 -0.34
CA THR A 101 27.30 0.75 -0.71
C THR A 101 27.06 -0.21 0.47
N ILE A 102 26.03 -1.06 0.33
CA ILE A 102 25.72 -2.10 1.29
C ILE A 102 25.57 -3.35 0.46
N GLY A 103 26.45 -4.32 0.67
CA GLY A 103 26.42 -5.61 -0.03
C GLY A 103 26.61 -5.55 -1.53
N VAL A 104 27.45 -4.64 -2.02
CA VAL A 104 27.68 -4.46 -3.46
C VAL A 104 29.15 -4.65 -3.88
N CYS A 105 30.07 -3.90 -3.31
CA CYS A 105 31.46 -3.86 -3.71
C CYS A 105 32.34 -3.81 -2.45
N SER A 106 33.39 -4.61 -2.39
CA SER A 106 34.24 -4.68 -1.19
C SER A 106 34.98 -3.37 -0.86
N MET A 107 35.21 -2.53 -1.86
CA MET A 107 35.89 -1.27 -1.65
C MET A 107 34.98 -0.18 -1.10
N THR A 108 33.70 -0.16 -1.51
CA THR A 108 32.78 0.88 -1.08
C THR A 108 31.81 0.45 0.00
N ASP A 109 31.72 -0.86 0.32
CA ASP A 109 30.80 -1.37 1.32
C ASP A 109 31.15 -0.93 2.70
N ILE A 110 30.16 -0.39 3.41
CA ILE A 110 30.27 -0.06 4.84
C ILE A 110 29.70 -1.20 5.70
N ALA A 111 28.89 -2.09 5.08
CA ALA A 111 28.18 -3.23 5.63
C ALA A 111 27.79 -4.18 4.50
N LYS A 112 27.56 -5.46 4.83
CA LYS A 112 27.06 -6.45 3.88
C LYS A 112 25.52 -6.43 3.89
N LYS A 113 24.91 -6.17 5.06
CA LYS A 113 23.46 -6.12 5.22
C LYS A 113 23.04 -4.79 5.86
N PRO A 114 21.88 -4.23 5.48
CA PRO A 114 21.43 -2.97 6.09
C PRO A 114 21.04 -3.06 7.57
N THR A 115 21.01 -4.28 8.12
CA THR A 115 20.72 -4.53 9.53
C THR A 115 21.91 -4.26 10.43
N GLU A 116 23.14 -4.07 9.86
CA GLU A 116 24.35 -3.78 10.61
C GLU A 116 24.24 -2.41 11.29
N THR A 117 24.80 -2.27 12.49
CA THR A 117 24.62 -1.05 13.26
C THR A 117 25.17 0.21 12.56
N ILE A 118 26.14 0.06 11.63
CA ILE A 118 26.67 1.23 10.90
C ILE A 118 25.57 1.92 10.05
N CYS A 119 24.57 1.19 9.60
CA CYS A 119 23.51 1.69 8.74
C CYS A 119 22.41 2.39 9.47
N ALA A 120 22.27 2.12 10.78
CA ALA A 120 21.22 2.70 11.62
C ALA A 120 21.05 4.20 11.47
N PRO A 121 22.11 5.04 11.55
CA PRO A 121 21.92 6.48 11.40
C PRO A 121 21.76 6.99 9.96
N LEU A 122 21.95 6.12 8.97
CA LEU A 122 21.85 6.51 7.56
C LEU A 122 20.46 6.23 7.00
N THR A 123 19.96 7.11 6.13
CA THR A 123 18.67 6.86 5.49
C THR A 123 18.91 5.91 4.33
N VAL A 124 18.63 4.62 4.55
CA VAL A 124 18.84 3.57 3.57
C VAL A 124 17.65 3.48 2.62
N PHE A 125 17.91 3.31 1.34
CA PHE A 125 16.86 3.17 0.34
C PHE A 125 16.56 1.68 0.21
N PHE A 126 15.28 1.32 0.32
CA PHE A 126 14.79 -0.04 0.21
C PHE A 126 13.83 -0.12 -0.96
N ASP A 127 13.89 -1.22 -1.69
CA ASP A 127 13.08 -1.47 -2.86
C ASP A 127 12.18 -2.65 -2.55
N GLY A 128 10.91 -2.35 -2.40
CA GLY A 128 9.89 -3.34 -2.10
C GLY A 128 9.71 -4.38 -3.18
N ARG A 129 10.24 -4.14 -4.38
CA ARG A 129 10.18 -5.14 -5.46
C ARG A 129 11.19 -6.30 -5.24
N VAL A 130 12.15 -6.14 -4.33
CA VAL A 130 13.14 -7.15 -3.97
C VAL A 130 12.66 -7.83 -2.68
N ASP A 131 12.79 -9.15 -2.64
CA ASP A 131 12.38 -9.93 -1.48
C ASP A 131 13.04 -9.50 -0.18
N GLY A 132 12.24 -9.41 0.87
CA GLY A 132 12.69 -9.07 2.21
C GLY A 132 13.02 -7.61 2.46
N GLN A 133 12.86 -6.74 1.45
CA GLN A 133 13.24 -5.33 1.63
C GLN A 133 12.20 -4.48 2.34
N VAL A 134 10.90 -4.84 2.26
CA VAL A 134 9.89 -4.14 3.03
C VAL A 134 10.15 -4.43 4.54
N ASP A 135 10.51 -5.67 4.89
CA ASP A 135 10.85 -6.04 6.27
C ASP A 135 12.06 -5.33 6.75
N LEU A 136 13.08 -5.20 5.91
CA LEU A 136 14.30 -4.52 6.29
C LEU A 136 14.02 -3.05 6.57
N PHE A 137 13.08 -2.44 5.84
CA PHE A 137 12.65 -1.06 6.08
C PHE A 137 11.99 -0.97 7.45
N ARG A 138 11.09 -1.91 7.80
CA ARG A 138 10.42 -1.93 9.10
C ARG A 138 11.45 -2.06 10.23
N ASN A 139 12.55 -2.80 10.01
CA ASN A 139 13.57 -2.93 11.02
C ASN A 139 14.60 -1.80 11.01
N ALA A 140 14.69 -1.01 9.92
CA ALA A 140 15.64 0.11 9.78
C ALA A 140 15.29 1.30 10.65
N ARG A 141 16.30 1.95 11.23
CA ARG A 141 16.07 3.16 12.01
C ARG A 141 15.74 4.30 11.05
N ASN A 142 16.48 4.44 9.96
CA ASN A 142 16.21 5.45 8.96
C ASN A 142 16.12 4.77 7.60
N GLY A 143 15.24 5.28 6.74
CA GLY A 143 15.08 4.72 5.42
C GLY A 143 13.97 5.30 4.57
N VAL A 144 14.03 5.02 3.28
CA VAL A 144 13.01 5.38 2.29
C VAL A 144 12.65 4.06 1.61
N LEU A 145 11.36 3.77 1.48
CA LEU A 145 10.91 2.55 0.86
C LEU A 145 10.06 2.88 -0.36
N ILE A 146 10.28 2.18 -1.47
CA ILE A 146 9.41 2.28 -2.63
C ILE A 146 8.72 0.94 -2.84
N THR A 147 7.44 0.95 -3.16
CA THR A 147 6.71 -0.28 -3.44
C THR A 147 5.81 -0.10 -4.66
N GLU A 148 5.39 -1.21 -5.26
CA GLU A 148 4.43 -1.19 -6.35
C GLU A 148 2.98 -1.34 -5.83
N GLY A 149 2.78 -1.69 -4.55
CA GLY A 149 1.47 -1.86 -3.97
C GLY A 149 1.38 -1.46 -2.51
N SER A 150 0.33 -1.92 -1.81
CA SER A 150 0.16 -1.56 -0.41
C SER A 150 0.98 -2.44 0.53
N VAL A 151 1.45 -1.83 1.62
CA VAL A 151 2.17 -2.50 2.69
C VAL A 151 1.25 -2.38 3.86
N LYS A 152 0.77 -3.50 4.44
CA LYS A 152 -0.18 -3.48 5.54
C LYS A 152 0.25 -2.54 6.69
N GLY A 153 -0.62 -1.58 7.03
CA GLY A 153 -0.33 -0.63 8.09
C GLY A 153 0.34 0.65 7.65
N LEU A 154 1.28 0.59 6.67
CA LEU A 154 1.99 1.78 6.20
C LEU A 154 1.17 2.71 5.29
N GLN A 155 1.05 3.98 5.68
CA GLN A 155 0.31 4.99 4.91
C GLN A 155 1.17 5.42 3.77
N PRO A 156 0.72 5.18 2.53
CA PRO A 156 1.57 5.47 1.38
C PRO A 156 1.52 6.90 0.87
N SER A 157 2.57 7.26 0.14
CA SER A 157 2.66 8.54 -0.56
C SER A 157 2.76 8.16 -2.05
N VAL A 158 1.83 8.63 -2.90
CA VAL A 158 1.91 8.28 -4.33
C VAL A 158 2.96 9.14 -4.98
N GLY A 159 4.02 8.52 -5.50
CA GLY A 159 5.11 9.26 -6.10
C GLY A 159 4.83 9.76 -7.49
N PRO A 160 5.88 10.21 -8.20
CA PRO A 160 5.68 10.68 -9.58
C PRO A 160 5.35 9.53 -10.51
N LYS A 161 4.70 9.86 -11.63
CA LYS A 161 4.34 8.88 -12.67
C LYS A 161 5.59 8.28 -13.31
N GLN A 162 6.66 9.09 -13.44
CA GLN A 162 7.88 8.72 -14.11
C GLN A 162 8.98 8.20 -13.17
N ALA A 163 9.85 7.39 -13.74
CA ALA A 163 11.02 6.86 -13.06
C ALA A 163 12.18 6.78 -14.10
N SER A 164 13.41 6.55 -13.65
CA SER A 164 14.56 6.44 -14.52
C SER A 164 14.88 4.97 -14.79
N LEU A 165 14.85 4.55 -16.06
CA LEU A 165 15.22 3.20 -16.42
C LEU A 165 16.49 3.30 -17.28
N ASN A 166 17.65 2.98 -16.70
CA ASN A 166 18.94 3.06 -17.37
C ASN A 166 19.26 4.46 -17.89
N GLY A 167 18.92 5.47 -17.11
CA GLY A 167 19.15 6.84 -17.50
C GLY A 167 18.05 7.46 -18.33
N VAL A 168 17.04 6.68 -18.73
CA VAL A 168 15.93 7.20 -19.51
C VAL A 168 14.77 7.48 -18.58
N THR A 169 14.39 8.74 -18.41
CA THR A 169 13.24 9.07 -17.59
C THR A 169 12.00 8.85 -18.43
N LEU A 170 11.09 8.01 -17.94
CA LEU A 170 9.91 7.64 -18.69
C LEU A 170 8.72 7.28 -17.78
N ILE A 171 7.51 7.36 -18.33
CA ILE A 171 6.30 6.95 -17.66
C ILE A 171 6.02 5.59 -18.27
N GLY A 172 6.20 4.56 -17.46
CA GLY A 172 6.11 3.17 -17.90
C GLY A 172 4.77 2.69 -18.41
N GLU A 173 4.83 1.87 -19.47
CA GLU A 173 3.68 1.23 -20.08
C GLU A 173 3.90 -0.29 -20.02
N ALA A 174 5.13 -0.75 -20.28
CA ALA A 174 5.47 -2.16 -20.16
C ALA A 174 6.06 -2.51 -18.77
N VAL A 175 6.34 -1.49 -17.93
CA VAL A 175 6.89 -1.58 -16.58
C VAL A 175 6.19 -0.57 -15.68
N LYS A 176 6.19 -0.81 -14.37
CA LYS A 176 5.59 0.13 -13.44
C LYS A 176 6.64 1.15 -13.04
N THR A 177 6.31 2.46 -13.16
CA THR A 177 7.25 3.53 -12.79
C THR A 177 6.70 4.40 -11.64
N GLN A 178 5.38 4.33 -11.33
CA GLN A 178 4.77 5.09 -10.23
C GLN A 178 4.79 4.26 -8.96
N PHE A 179 5.55 4.70 -7.97
CA PHE A 179 5.72 3.93 -6.75
C PHE A 179 5.03 4.58 -5.56
N ASN A 180 4.81 3.79 -4.51
CA ASN A 180 4.35 4.28 -3.22
C ASN A 180 5.63 4.59 -2.46
N TYR A 181 5.70 5.73 -1.81
CA TYR A 181 6.89 6.11 -1.07
C TYR A 181 6.62 6.08 0.39
N TYR A 182 7.63 5.64 1.15
CA TYR A 182 7.56 5.59 2.61
C TYR A 182 8.89 6.11 3.17
N LYS A 183 8.89 6.80 4.32
CA LYS A 183 10.10 7.33 4.92
C LYS A 183 10.06 7.10 6.44
N LYS A 184 11.23 6.92 7.06
CA LYS A 184 11.35 6.70 8.50
C LYS A 184 12.51 7.52 8.99
N VAL A 185 12.32 8.30 10.06
CA VAL A 185 13.39 9.07 10.66
C VAL A 185 13.43 8.67 12.13
N ASP A 186 14.58 8.17 12.61
CA ASP A 186 14.78 7.75 13.99
C ASP A 186 13.78 6.72 14.49
N GLY A 187 13.61 5.67 13.70
CA GLY A 187 12.71 4.57 14.00
C GLY A 187 11.26 4.89 13.79
N VAL A 188 10.92 6.13 13.43
CA VAL A 188 9.54 6.55 13.31
C VAL A 188 9.15 6.86 11.90
N VAL A 189 8.07 6.23 11.41
CA VAL A 189 7.54 6.50 10.09
C VAL A 189 7.11 7.95 10.00
N GLN A 190 7.58 8.65 8.99
CA GLN A 190 7.25 10.04 8.80
C GLN A 190 6.20 10.14 7.71
N GLN A 191 5.25 11.01 7.92
CA GLN A 191 4.20 11.25 6.96
C GLN A 191 4.82 12.16 5.89
N LEU A 192 4.88 11.66 4.65
CA LEU A 192 5.41 12.47 3.56
C LEU A 192 4.40 13.57 3.21
N PRO A 193 4.89 14.77 2.93
CA PRO A 193 3.96 15.88 2.66
C PRO A 193 3.22 15.76 1.33
N GLU A 194 2.12 16.52 1.20
CA GLU A 194 1.40 16.64 -0.08
C GLU A 194 2.35 17.43 -0.99
N THR A 195 2.51 17.00 -2.24
CA THR A 195 3.49 17.62 -3.10
C THR A 195 3.09 17.68 -4.55
N TYR A 196 3.67 18.65 -5.24
CA TYR A 196 3.62 18.73 -6.69
C TYR A 196 4.83 17.92 -7.14
N PHE A 197 4.83 17.50 -8.40
CA PHE A 197 5.99 16.82 -8.95
C PHE A 197 6.47 17.54 -10.19
N THR A 198 7.80 17.62 -10.38
CA THR A 198 8.34 18.17 -11.61
C THR A 198 8.13 17.07 -12.69
N GLN A 199 8.00 17.50 -13.96
CA GLN A 199 7.69 16.60 -15.07
C GLN A 199 8.88 15.92 -15.72
N SER A 200 10.12 16.37 -15.41
CA SER A 200 11.38 15.78 -15.91
C SER A 200 11.48 15.72 -17.44
N ARG A 201 11.02 16.77 -18.13
CA ARG A 201 11.11 16.83 -19.59
C ARG A 201 12.41 17.50 -20.05
N ASN A 202 12.78 17.26 -21.33
CA ASN A 202 13.98 17.85 -21.95
C ASN A 202 13.56 19.05 -22.76
N LEU A 203 14.50 19.97 -22.98
CA LEU A 203 14.24 21.13 -23.80
C LEU A 203 14.08 20.72 -25.29
N GLN A 204 14.93 19.79 -25.74
CA GLN A 204 14.97 19.32 -27.14
C GLN A 204 13.74 18.53 -27.55
N GLU A 205 13.25 17.65 -26.68
CA GLU A 205 12.11 16.81 -27.00
C GLU A 205 10.94 17.05 -26.05
N PHE A 206 10.54 18.32 -25.91
CA PHE A 206 9.46 18.68 -25.01
C PHE A 206 8.09 18.34 -25.59
N LYS A 207 7.26 17.64 -24.81
CA LYS A 207 5.91 17.30 -25.22
C LYS A 207 4.90 17.79 -24.18
N PRO A 208 3.85 18.52 -24.62
CA PRO A 208 2.84 19.00 -23.66
C PRO A 208 2.06 17.85 -23.01
N ARG A 209 1.69 18.00 -21.74
CA ARG A 209 0.97 16.97 -21.02
C ARG A 209 -0.41 17.43 -20.51
N SER A 210 -1.00 18.43 -21.18
CA SER A 210 -2.33 18.97 -20.84
C SER A 210 -2.83 19.91 -21.93
N GLN A 211 -4.15 20.18 -21.97
CA GLN A 211 -4.71 21.10 -22.96
C GLN A 211 -4.15 22.52 -22.78
N MET A 212 -3.84 22.92 -21.53
CA MET A 212 -3.25 24.22 -21.29
C MET A 212 -1.83 24.29 -21.86
N GLU A 213 -1.06 23.19 -21.74
CA GLU A 213 0.29 23.13 -22.27
C GLU A 213 0.27 23.12 -23.80
N ILE A 214 -0.72 22.47 -24.42
CA ILE A 214 -0.89 22.45 -25.87
C ILE A 214 -1.23 23.88 -26.36
N ASP A 215 -2.11 24.57 -25.61
CA ASP A 215 -2.54 25.93 -25.92
C ASP A 215 -1.39 26.92 -25.75
N PHE A 216 -0.51 26.71 -24.77
CA PHE A 216 0.63 27.61 -24.57
C PHE A 216 1.59 27.53 -25.76
N LEU A 217 1.86 26.32 -26.22
CA LEU A 217 2.78 26.10 -27.32
C LEU A 217 2.20 26.52 -28.68
N GLU A 218 0.86 26.46 -28.84
CA GLU A 218 0.26 26.81 -30.13
C GLU A 218 -0.26 28.25 -30.22
N LEU A 219 -0.90 28.75 -29.17
CA LEU A 219 -1.43 30.10 -29.17
C LEU A 219 -0.34 31.16 -29.00
N ALA A 220 -0.64 32.40 -29.42
CA ALA A 220 0.23 33.57 -29.25
C ALA A 220 0.18 33.98 -27.77
N MET A 221 1.19 34.73 -27.31
CA MET A 221 1.26 35.13 -25.91
C MET A 221 -0.03 35.79 -25.37
N ASP A 222 -0.53 36.83 -26.06
CA ASP A 222 -1.69 37.59 -25.63
C ASP A 222 -3.01 36.82 -25.67
N GLU A 223 -3.16 35.84 -26.58
CA GLU A 223 -4.41 35.09 -26.63
C GLU A 223 -4.42 33.95 -25.61
N PHE A 224 -3.24 33.37 -25.27
CA PHE A 224 -3.20 32.35 -24.22
C PHE A 224 -3.54 33.01 -22.88
N ILE A 225 -2.90 34.15 -22.58
CA ILE A 225 -3.14 34.90 -21.34
C ILE A 225 -4.63 35.31 -21.25
N GLU A 226 -5.26 35.61 -22.39
CA GLU A 226 -6.68 35.95 -22.44
C GLU A 226 -7.54 34.72 -22.16
N ARG A 227 -7.32 33.62 -22.89
CA ARG A 227 -8.07 32.37 -22.76
C ARG A 227 -8.05 31.81 -21.33
N TYR A 228 -6.88 31.87 -20.69
CA TYR A 228 -6.73 31.29 -19.36
C TYR A 228 -6.86 32.29 -18.21
N LYS A 229 -7.34 33.52 -18.50
CA LYS A 229 -7.58 34.57 -17.51
C LYS A 229 -6.34 34.84 -16.65
N LEU A 230 -5.18 34.95 -17.31
CA LEU A 230 -3.91 35.17 -16.61
C LEU A 230 -3.45 36.61 -16.62
N GLU A 231 -4.34 37.56 -16.90
CA GLU A 231 -4.01 38.99 -16.93
C GLU A 231 -3.63 39.47 -15.52
N GLY A 232 -2.47 40.11 -15.41
CA GLY A 232 -1.96 40.60 -14.14
C GLY A 232 -1.10 39.61 -13.36
N TYR A 233 -0.75 38.47 -13.99
CA TYR A 233 0.07 37.44 -13.35
C TYR A 233 1.52 37.36 -13.85
N ALA A 234 1.96 38.34 -14.65
CA ALA A 234 3.31 38.46 -15.19
C ALA A 234 3.82 37.24 -15.95
N PHE A 235 2.94 36.53 -16.66
CA PHE A 235 3.37 35.38 -17.46
C PHE A 235 4.31 35.82 -18.59
N GLU A 236 4.12 37.03 -19.12
CA GLU A 236 4.96 37.64 -20.15
C GLU A 236 6.43 37.66 -19.70
N HIS A 237 6.66 37.98 -18.42
CA HIS A 237 7.99 38.01 -17.81
C HIS A 237 8.41 36.59 -17.31
N ILE A 238 7.64 35.99 -16.39
CA ILE A 238 7.91 34.71 -15.74
C ILE A 238 8.03 33.52 -16.70
N VAL A 239 7.01 33.29 -17.52
CA VAL A 239 6.94 32.12 -18.39
C VAL A 239 7.50 32.38 -19.79
N TYR A 240 7.04 33.42 -20.47
CA TYR A 240 7.46 33.73 -21.83
C TYR A 240 8.89 34.22 -21.95
N GLY A 241 9.31 35.04 -20.99
CA GLY A 241 10.65 35.61 -21.00
C GLY A 241 10.70 36.97 -21.66
N ASP A 242 11.55 37.83 -21.13
CA ASP A 242 11.72 39.17 -21.67
C ASP A 242 13.14 39.25 -22.22
N PHE A 243 13.27 39.35 -23.54
CA PHE A 243 14.58 39.38 -24.18
C PHE A 243 14.92 40.78 -24.71
N SER A 244 14.28 41.83 -24.16
CA SER A 244 14.49 43.19 -24.66
C SER A 244 15.68 43.91 -24.04
N HIS A 245 16.07 43.54 -22.82
CA HIS A 245 17.21 44.15 -22.13
C HIS A 245 18.43 43.23 -22.07
N SER A 246 19.60 43.76 -21.69
CA SER A 246 20.82 42.96 -21.62
C SER A 246 20.66 41.81 -20.62
N GLN A 247 19.97 42.05 -19.49
CA GLN A 247 19.67 40.97 -18.57
C GLN A 247 18.31 40.37 -18.96
N LEU A 248 18.31 39.07 -19.32
CA LEU A 248 17.13 38.28 -19.70
C LEU A 248 16.18 38.30 -18.53
N GLY A 249 14.93 38.67 -18.77
CA GLY A 249 13.93 38.76 -17.72
C GLY A 249 13.09 37.52 -17.63
N GLY A 250 12.95 37.02 -16.40
CA GLY A 250 12.15 35.84 -16.09
C GLY A 250 12.64 34.57 -16.75
N LEU A 251 11.73 33.86 -17.42
CA LEU A 251 12.00 32.60 -18.11
C LEU A 251 12.37 31.49 -17.10
N HIS A 252 11.47 31.21 -16.16
CA HIS A 252 11.72 30.23 -15.12
C HIS A 252 10.97 28.90 -15.28
N LEU A 253 10.10 28.76 -16.30
CA LEU A 253 9.37 27.48 -16.50
C LEU A 253 9.92 26.81 -17.75
N LEU A 254 10.18 25.48 -17.72
CA LEU A 254 10.73 24.77 -18.87
C LEU A 254 9.87 24.89 -20.15
N ILE A 255 8.54 24.94 -20.01
CA ILE A 255 7.67 25.08 -21.17
C ILE A 255 7.92 26.41 -21.92
N GLY A 256 8.21 27.48 -21.19
CA GLY A 256 8.52 28.77 -21.78
C GLY A 256 9.84 28.74 -22.54
N LEU A 257 10.82 28.02 -22.00
CA LEU A 257 12.11 27.84 -22.67
C LEU A 257 11.91 26.99 -23.94
N ALA A 258 11.01 25.98 -23.89
CA ALA A 258 10.75 25.11 -25.03
C ALA A 258 10.05 25.87 -26.14
N LYS A 259 9.12 26.78 -25.78
CA LYS A 259 8.40 27.55 -26.79
C LYS A 259 9.37 28.46 -27.54
N ARG A 260 10.27 29.12 -26.79
CA ARG A 260 11.30 30.02 -27.29
C ARG A 260 12.28 29.24 -28.17
N PHE A 261 12.74 28.07 -27.71
CA PHE A 261 13.70 27.22 -28.43
C PHE A 261 13.31 26.86 -29.86
N LYS A 262 12.00 26.68 -30.12
CA LYS A 262 11.52 26.35 -31.45
C LYS A 262 11.76 27.51 -32.40
N GLU A 263 11.57 28.75 -31.93
CA GLU A 263 11.75 29.93 -32.78
C GLU A 263 13.22 30.39 -32.86
N SER A 264 13.85 30.61 -31.70
CA SER A 264 15.22 31.09 -31.60
C SER A 264 16.00 30.17 -30.66
N PRO A 265 17.20 29.75 -31.07
CA PRO A 265 18.01 28.91 -30.17
C PRO A 265 18.71 29.75 -29.10
N PHE A 266 19.17 29.10 -28.04
CA PHE A 266 19.85 29.77 -26.94
C PHE A 266 20.75 28.80 -26.19
N GLU A 267 21.81 29.30 -25.58
CA GLU A 267 22.74 28.45 -24.85
C GLU A 267 22.38 28.41 -23.38
N LEU A 268 22.32 27.22 -22.78
CA LEU A 268 22.04 27.01 -21.36
C LEU A 268 23.27 26.41 -20.76
N GLU A 269 24.04 27.14 -20.00
CA GLU A 269 25.22 26.59 -19.35
C GLU A 269 24.81 26.00 -18.00
N ASP A 270 24.84 24.67 -17.92
CA ASP A 270 24.49 23.93 -16.73
C ASP A 270 25.74 23.90 -15.83
N PHE A 271 25.99 24.96 -15.08
CA PHE A 271 27.20 25.09 -14.28
C PHE A 271 27.23 24.19 -13.01
N ILE A 272 26.09 23.62 -12.59
CA ILE A 272 26.08 22.63 -11.51
C ILE A 272 25.36 21.42 -12.10
N PRO A 273 26.09 20.55 -12.82
CA PRO A 273 25.45 19.40 -13.49
C PRO A 273 25.10 18.24 -12.57
N MET A 274 23.86 18.22 -12.17
CA MET A 274 23.30 17.25 -11.26
C MET A 274 21.78 17.28 -11.40
N ASP A 275 21.11 16.25 -10.89
CA ASP A 275 19.66 16.18 -10.95
C ASP A 275 19.13 17.00 -9.78
N SER A 276 18.31 18.01 -10.05
CA SER A 276 17.66 18.76 -8.98
C SER A 276 16.29 19.30 -9.40
N THR A 277 15.36 19.41 -8.42
CA THR A 277 14.00 19.93 -8.63
C THR A 277 14.05 21.28 -9.34
N VAL A 278 14.91 22.20 -8.85
CA VAL A 278 15.14 23.45 -9.53
C VAL A 278 16.55 23.44 -10.18
N LYS A 279 16.61 23.76 -11.47
CA LYS A 279 17.87 23.78 -12.20
C LYS A 279 18.34 25.21 -12.42
N ASN A 280 19.66 25.47 -12.39
CA ASN A 280 20.20 26.82 -12.59
C ASN A 280 21.02 26.84 -13.84
N TYR A 281 20.77 27.81 -14.73
CA TYR A 281 21.50 27.89 -15.98
C TYR A 281 22.01 29.26 -16.29
N PHE A 282 23.20 29.35 -16.88
CA PHE A 282 23.72 30.63 -17.35
C PHE A 282 23.18 30.67 -18.77
N ILE A 283 22.11 31.43 -19.01
CA ILE A 283 21.48 31.46 -20.33
C ILE A 283 21.92 32.64 -21.17
N THR A 284 22.20 32.41 -22.48
CA THR A 284 22.55 33.43 -23.46
C THR A 284 21.59 33.24 -24.64
N ASP A 285 20.73 34.23 -24.92
CA ASP A 285 19.82 34.14 -26.05
C ASP A 285 20.58 34.48 -27.32
N ALA A 286 20.62 33.55 -28.29
CA ALA A 286 21.40 33.75 -29.54
C ALA A 286 20.85 34.80 -30.50
N GLN A 287 19.55 35.06 -30.44
CA GLN A 287 18.92 36.03 -31.32
C GLN A 287 19.15 37.47 -30.87
N THR A 288 19.00 37.73 -29.58
CA THR A 288 19.06 39.07 -29.05
C THR A 288 20.33 39.41 -28.29
N GLY A 289 20.99 38.42 -27.72
CA GLY A 289 22.14 38.67 -26.86
C GLY A 289 21.71 38.99 -25.44
N SER A 290 20.44 38.77 -25.11
CA SER A 290 19.91 38.92 -23.77
C SER A 290 20.48 37.73 -22.98
N SER A 291 21.00 37.95 -21.77
CA SER A 291 21.58 36.87 -20.99
C SER A 291 21.37 37.01 -19.45
N LYS A 292 21.52 35.90 -18.71
CA LYS A 292 21.37 35.88 -17.25
C LYS A 292 22.31 34.82 -16.67
N CYS A 293 23.19 35.21 -15.74
CA CYS A 293 24.14 34.28 -15.11
C CYS A 293 23.49 33.13 -14.40
N VAL A 294 22.46 33.41 -13.61
CA VAL A 294 21.76 32.38 -12.87
C VAL A 294 20.30 32.50 -13.21
N CYS A 295 19.82 31.63 -14.09
CA CYS A 295 18.42 31.59 -14.45
C CYS A 295 17.83 30.28 -13.93
N SER A 296 17.12 30.34 -12.79
CA SER A 296 16.50 29.17 -12.20
C SER A 296 15.32 28.71 -13.06
N VAL A 297 15.27 27.42 -13.37
CA VAL A 297 14.24 26.82 -14.21
C VAL A 297 13.66 25.62 -13.49
N ILE A 298 12.35 25.55 -13.49
CA ILE A 298 11.62 24.42 -12.92
C ILE A 298 10.69 23.88 -14.01
N ASP A 299 10.54 22.56 -14.08
CA ASP A 299 9.65 21.94 -15.05
C ASP A 299 8.40 21.48 -14.36
N LEU A 300 7.46 22.39 -14.16
CA LEU A 300 6.18 22.06 -13.56
C LEU A 300 5.19 21.99 -14.70
N LEU A 301 4.15 21.17 -14.56
CA LEU A 301 3.05 21.14 -15.55
C LEU A 301 2.41 22.54 -15.51
N LEU A 302 2.22 23.19 -16.66
CA LEU A 302 1.73 24.58 -16.67
C LEU A 302 0.49 24.81 -15.79
N ASP A 303 -0.38 23.81 -15.69
CA ASP A 303 -1.59 23.89 -14.85
C ASP A 303 -1.22 23.97 -13.38
N ASP A 304 -0.18 23.23 -12.97
CA ASP A 304 0.29 23.25 -11.59
C ASP A 304 0.92 24.57 -11.25
N PHE A 305 1.66 25.19 -12.20
CA PHE A 305 2.27 26.49 -11.98
C PHE A 305 1.19 27.56 -11.90
N VAL A 306 0.19 27.51 -12.79
CA VAL A 306 -0.95 28.44 -12.80
C VAL A 306 -1.70 28.34 -11.47
N GLU A 307 -1.92 27.12 -10.97
CA GLU A 307 -2.58 26.90 -9.68
C GLU A 307 -1.77 27.52 -8.51
N ILE A 308 -0.45 27.32 -8.47
CA ILE A 308 0.43 27.87 -7.45
C ILE A 308 0.37 29.40 -7.47
N ILE A 309 0.56 30.03 -8.66
CA ILE A 309 0.59 31.49 -8.74
C ILE A 309 -0.78 32.11 -8.43
N LYS A 310 -1.88 31.44 -8.81
CA LYS A 310 -3.22 31.96 -8.51
C LYS A 310 -3.67 31.72 -7.07
N SER A 311 -2.93 30.92 -6.30
CA SER A 311 -3.25 30.66 -4.89
C SER A 311 -2.46 31.57 -3.93
N GLN A 312 -1.86 32.67 -4.45
CA GLN A 312 -1.05 33.56 -3.64
C GLN A 312 -1.71 34.90 -3.41
N ASP A 313 -1.44 35.47 -2.24
CA ASP A 313 -1.94 36.79 -1.89
C ASP A 313 -1.05 37.81 -2.62
N LEU A 314 -1.66 38.67 -3.46
CA LEU A 314 -0.90 39.64 -4.24
C LEU A 314 -0.87 41.04 -3.62
N SER A 315 -1.08 41.16 -2.31
CA SER A 315 -1.09 42.46 -1.64
C SER A 315 0.25 42.87 -1.00
N VAL A 316 1.26 42.01 -1.05
CA VAL A 316 2.56 42.32 -0.43
C VAL A 316 3.58 42.73 -1.50
N VAL A 317 4.58 43.51 -1.13
CA VAL A 317 5.60 43.93 -2.08
C VAL A 317 6.54 42.77 -2.40
N SER A 318 7.00 42.05 -1.35
CA SER A 318 7.91 40.92 -1.54
C SER A 318 7.81 39.94 -0.39
N LYS A 319 7.60 38.67 -0.72
CA LYS A 319 7.55 37.62 0.28
C LYS A 319 8.04 36.30 -0.28
N VAL A 320 8.43 35.41 0.62
CA VAL A 320 8.86 34.08 0.25
C VAL A 320 7.61 33.20 0.22
N VAL A 321 7.39 32.50 -0.89
CA VAL A 321 6.27 31.59 -1.04
C VAL A 321 6.86 30.19 -1.08
N LYS A 322 6.60 29.37 -0.06
CA LYS A 322 7.13 28.01 -0.03
C LYS A 322 6.15 27.01 -0.67
N VAL A 323 6.62 26.22 -1.64
CA VAL A 323 5.78 25.24 -2.32
C VAL A 323 6.44 23.86 -2.22
N THR A 324 5.68 22.80 -1.87
CA THR A 324 6.28 21.47 -1.79
C THR A 324 6.30 20.82 -3.18
N ILE A 325 7.51 20.61 -3.72
CA ILE A 325 7.71 20.03 -5.05
C ILE A 325 8.77 18.93 -4.90
N ASP A 326 8.47 17.72 -5.41
CA ASP A 326 9.33 16.55 -5.34
C ASP A 326 9.73 16.20 -3.91
N TYR A 327 8.78 16.42 -2.96
CA TYR A 327 8.87 16.19 -1.51
C TYR A 327 9.72 17.21 -0.78
N THR A 328 10.33 18.17 -1.49
CA THR A 328 11.16 19.18 -0.85
C THR A 328 10.45 20.53 -0.84
N GLU A 329 10.80 21.38 0.11
CA GLU A 329 10.21 22.72 0.18
C GLU A 329 11.03 23.67 -0.67
N ILE A 330 10.44 24.11 -1.79
CA ILE A 330 11.04 25.05 -2.72
C ILE A 330 10.52 26.45 -2.41
N SER A 331 11.42 27.36 -2.01
CA SER A 331 11.07 28.76 -1.72
C SER A 331 11.07 29.55 -3.02
N PHE A 332 9.99 30.26 -3.27
CA PHE A 332 9.84 31.12 -4.42
C PHE A 332 9.86 32.55 -3.90
N MET A 333 10.13 33.49 -4.79
CA MET A 333 10.11 34.88 -4.41
C MET A 333 8.97 35.52 -5.17
N LEU A 334 7.99 36.06 -4.44
CA LEU A 334 6.85 36.71 -5.08
C LEU A 334 6.93 38.23 -4.91
N TRP A 335 6.96 38.96 -6.02
CA TRP A 335 7.03 40.41 -6.02
C TRP A 335 5.81 40.97 -6.67
N CYS A 336 5.03 41.76 -5.93
CA CYS A 336 3.79 42.34 -6.44
C CYS A 336 3.83 43.87 -6.41
N LYS A 337 2.88 44.52 -7.10
CA LYS A 337 2.71 45.98 -7.15
C LYS A 337 1.27 46.25 -7.55
N ASP A 338 0.54 47.04 -6.76
CA ASP A 338 -0.85 47.42 -7.02
C ASP A 338 -1.78 46.23 -7.29
N GLY A 339 -1.57 45.13 -6.55
CA GLY A 339 -2.40 43.93 -6.69
C GLY A 339 -2.06 43.01 -7.86
N HIS A 340 -1.02 43.34 -8.63
CA HIS A 340 -0.62 42.50 -9.75
C HIS A 340 0.78 41.94 -9.54
N VAL A 341 1.04 40.76 -10.13
CA VAL A 341 2.36 40.14 -10.04
C VAL A 341 3.35 40.91 -10.90
N GLU A 342 4.56 41.06 -10.41
CA GLU A 342 5.64 41.67 -11.15
C GLU A 342 6.60 40.54 -11.55
N THR A 343 6.98 39.71 -10.58
CA THR A 343 7.80 38.52 -10.80
C THR A 343 7.51 37.46 -9.73
N PHE A 344 7.79 36.21 -10.07
CA PHE A 344 7.63 35.02 -9.24
C PHE A 344 8.70 34.07 -9.75
N TYR A 345 9.67 33.71 -8.92
CA TYR A 345 10.77 32.87 -9.37
C TYR A 345 11.29 31.94 -8.28
N PRO A 346 11.80 30.73 -8.63
CA PRO A 346 12.38 29.85 -7.61
C PRO A 346 13.60 30.52 -6.99
N LYS A 347 13.40 31.14 -5.80
CA LYS A 347 14.33 31.94 -5.00
C LYS A 347 15.73 31.38 -4.93
N LEU A 348 16.69 32.14 -5.45
CA LEU A 348 18.10 31.76 -5.49
C LEU A 348 18.69 31.79 -4.07
N GLN A 349 19.10 30.61 -3.55
CA GLN A 349 19.67 30.45 -2.22
C GLN A 349 21.12 30.95 -2.17
N ALA B 2 -35.27 -36.09 -6.01
CA ALA B 2 -36.66 -35.78 -5.66
C ALA B 2 -36.70 -35.09 -4.29
N MET B 3 -36.45 -33.77 -4.32
CA MET B 3 -36.38 -32.91 -3.15
C MET B 3 -37.73 -32.62 -2.48
N SER B 4 -37.79 -32.81 -1.15
CA SER B 4 -38.99 -32.57 -0.38
C SER B 4 -38.69 -32.17 1.06
N LEU B 5 -39.67 -31.57 1.73
CA LEU B 5 -39.55 -31.17 3.12
C LEU B 5 -39.36 -32.42 3.99
N GLU B 6 -40.14 -33.47 3.73
CA GLU B 6 -40.10 -34.72 4.47
C GLU B 6 -38.80 -35.50 4.27
N ASN B 7 -38.17 -35.36 3.09
CA ASN B 7 -36.90 -35.97 2.83
C ASN B 7 -35.78 -35.18 3.51
N VAL B 8 -35.85 -33.84 3.51
CA VAL B 8 -34.85 -33.01 4.18
C VAL B 8 -34.85 -33.33 5.68
N ALA B 9 -36.06 -33.51 6.26
CA ALA B 9 -36.31 -33.86 7.65
C ALA B 9 -35.80 -35.24 7.97
N PHE B 10 -36.00 -36.21 7.07
CA PHE B 10 -35.49 -37.57 7.21
C PHE B 10 -33.96 -37.53 7.33
N ASN B 11 -33.31 -36.75 6.48
CA ASN B 11 -31.86 -36.62 6.50
C ASN B 11 -31.39 -36.00 7.80
N VAL B 12 -32.04 -34.93 8.26
CA VAL B 12 -31.66 -34.27 9.50
C VAL B 12 -31.70 -35.25 10.69
N VAL B 13 -32.83 -35.97 10.83
CA VAL B 13 -33.08 -36.96 11.89
C VAL B 13 -32.10 -38.14 11.82
N ASN B 14 -31.85 -38.69 10.62
CA ASN B 14 -31.01 -39.87 10.49
C ASN B 14 -29.52 -39.64 10.25
N LYS B 15 -29.14 -38.53 9.62
CA LYS B 15 -27.75 -38.24 9.26
C LYS B 15 -27.15 -37.01 9.92
N GLY B 16 -27.93 -36.28 10.72
CA GLY B 16 -27.44 -35.06 11.37
C GLY B 16 -27.43 -33.82 10.50
N HIS B 17 -27.75 -33.98 9.23
CA HIS B 17 -27.78 -32.93 8.22
C HIS B 17 -28.26 -33.54 6.88
N PHE B 18 -28.43 -32.72 5.83
CA PHE B 18 -28.80 -33.25 4.53
C PHE B 18 -27.61 -34.03 3.95
N ASP B 19 -27.85 -35.31 3.60
CA ASP B 19 -26.83 -36.21 3.07
C ASP B 19 -27.28 -36.95 1.78
N GLY B 20 -28.37 -36.48 1.15
CA GLY B 20 -28.89 -37.08 -0.06
C GLY B 20 -29.52 -38.45 0.10
N GLN B 21 -29.74 -38.91 1.34
CA GLN B 21 -30.33 -40.20 1.61
C GLN B 21 -31.81 -40.21 1.29
N GLN B 22 -32.34 -41.33 0.85
CA GLN B 22 -33.75 -41.45 0.52
C GLN B 22 -34.54 -41.75 1.79
N GLY B 23 -35.76 -41.26 1.84
CA GLY B 23 -36.63 -41.52 2.98
C GLY B 23 -37.42 -40.31 3.41
N GLU B 24 -38.49 -40.54 4.15
CA GLU B 24 -39.37 -39.47 4.59
C GLU B 24 -39.78 -39.70 6.02
N VAL B 25 -39.83 -38.61 6.82
CA VAL B 25 -40.37 -38.63 8.18
C VAL B 25 -41.56 -37.66 8.20
N PRO B 26 -42.58 -37.88 9.03
CA PRO B 26 -43.70 -36.93 9.07
C PRO B 26 -43.25 -35.61 9.70
N VAL B 27 -43.62 -34.50 9.07
CA VAL B 27 -43.24 -33.16 9.50
C VAL B 27 -44.47 -32.31 9.72
N SER B 28 -44.41 -31.43 10.72
CA SER B 28 -45.42 -30.42 10.94
C SER B 28 -44.73 -29.04 11.10
N ILE B 29 -45.29 -28.03 10.45
CA ILE B 29 -44.77 -26.67 10.52
C ILE B 29 -45.74 -25.82 11.30
N ILE B 30 -45.25 -25.19 12.38
CA ILE B 30 -46.05 -24.33 13.26
C ILE B 30 -45.18 -23.16 13.62
N ASN B 31 -45.71 -21.94 13.84
N ASN B 31 -45.71 -22.08 13.03
CA ASN B 31 -44.94 -20.79 14.41
CA ASN B 31 -45.27 -20.72 12.90
C ASN B 31 -43.36 -20.76 14.22
C ASN B 31 -43.94 -20.77 12.20
N ASN B 32 -42.87 -20.66 12.95
CA ASN B 32 -41.51 -20.64 12.45
C ASN B 32 -40.67 -21.82 12.88
N THR B 33 -41.32 -22.93 13.25
CA THR B 33 -40.63 -24.10 13.74
C THR B 33 -41.04 -25.34 12.95
N VAL B 34 -40.05 -26.19 12.69
CA VAL B 34 -40.25 -27.46 12.03
C VAL B 34 -40.20 -28.55 13.10
N TYR B 35 -41.22 -29.41 13.11
CA TYR B 35 -41.32 -30.51 14.03
C TYR B 35 -41.39 -31.83 13.26
N THR B 36 -41.07 -32.92 13.94
CA THR B 36 -41.21 -34.28 13.42
C THR B 36 -41.85 -35.15 14.49
N LYS B 37 -42.66 -36.11 14.07
CA LYS B 37 -43.31 -37.02 15.00
C LYS B 37 -42.34 -38.15 15.35
N VAL B 38 -42.02 -38.31 16.63
CA VAL B 38 -41.16 -39.40 17.10
C VAL B 38 -41.95 -40.12 18.16
N ASP B 39 -42.51 -41.28 17.77
CA ASP B 39 -43.31 -42.13 18.64
C ASP B 39 -44.51 -41.39 19.19
N GLY B 40 -45.26 -40.79 18.29
CA GLY B 40 -46.49 -40.09 18.67
C GLY B 40 -46.36 -38.71 19.25
N VAL B 41 -45.12 -38.19 19.47
CA VAL B 41 -44.96 -36.82 20.00
C VAL B 41 -44.08 -35.97 19.09
N ASP B 42 -44.35 -34.65 19.04
CA ASP B 42 -43.59 -33.72 18.20
C ASP B 42 -42.28 -33.32 18.83
N VAL B 43 -41.23 -33.41 18.05
CA VAL B 43 -39.89 -33.06 18.47
C VAL B 43 -39.44 -31.95 17.55
N GLU B 44 -38.94 -30.87 18.11
CA GLU B 44 -38.44 -29.74 17.32
C GLU B 44 -37.14 -30.08 16.60
N LEU B 45 -37.09 -29.82 15.28
CA LEU B 45 -35.91 -30.04 14.47
C LEU B 45 -35.21 -28.73 14.14
N PHE B 46 -35.99 -27.64 13.96
CA PHE B 46 -35.42 -26.37 13.54
C PHE B 46 -36.30 -25.21 13.90
N GLU B 47 -35.68 -24.10 14.38
CA GLU B 47 -36.42 -22.88 14.63
C GLU B 47 -35.88 -21.83 13.68
N ASN B 48 -36.74 -21.30 12.83
CA ASN B 48 -36.36 -20.31 11.85
C ASN B 48 -36.07 -18.98 12.45
N LYS B 49 -34.80 -18.57 12.44
CA LYS B 49 -34.40 -17.22 12.88
C LYS B 49 -34.11 -16.28 11.67
N THR B 50 -34.33 -16.76 10.43
CA THR B 50 -34.07 -16.06 9.18
C THR B 50 -35.28 -15.23 8.72
N THR B 51 -35.08 -14.44 7.66
CA THR B 51 -36.16 -13.69 7.03
C THR B 51 -36.75 -14.47 5.82
N LEU B 52 -36.36 -15.75 5.65
CA LEU B 52 -36.84 -16.61 4.58
C LEU B 52 -38.03 -17.41 5.11
N PRO B 53 -38.84 -18.04 4.22
CA PRO B 53 -39.90 -18.93 4.71
C PRO B 53 -39.28 -20.10 5.50
N VAL B 54 -39.93 -20.52 6.59
CA VAL B 54 -39.51 -21.57 7.53
C VAL B 54 -38.98 -22.82 6.85
N ASN B 55 -39.74 -23.41 5.92
CA ASN B 55 -39.34 -24.63 5.20
C ASN B 55 -38.13 -24.43 4.29
N VAL B 56 -37.98 -23.21 3.75
CA VAL B 56 -36.86 -22.85 2.91
C VAL B 56 -35.61 -22.70 3.77
N ALA B 57 -35.67 -21.95 4.89
CA ALA B 57 -34.53 -21.81 5.80
C ALA B 57 -34.09 -23.17 6.34
N PHE B 58 -35.05 -24.08 6.60
CA PHE B 58 -34.79 -25.42 7.11
C PHE B 58 -33.94 -26.21 6.12
N GLU B 59 -34.30 -26.18 4.85
CA GLU B 59 -33.57 -26.88 3.82
C GLU B 59 -32.16 -26.31 3.62
N LEU B 60 -32.00 -24.99 3.68
CA LEU B 60 -30.68 -24.38 3.53
C LEU B 60 -29.80 -24.68 4.72
N TRP B 61 -30.36 -24.67 5.92
CA TRP B 61 -29.61 -25.04 7.12
C TRP B 61 -29.20 -26.52 7.04
N ALA B 62 -30.13 -27.43 6.67
CA ALA B 62 -29.80 -28.83 6.49
C ALA B 62 -28.70 -29.03 5.44
N LYS B 63 -28.69 -28.21 4.37
CA LYS B 63 -27.73 -28.27 3.27
C LYS B 63 -26.44 -27.43 3.47
N ARG B 64 -26.22 -26.93 4.71
CA ARG B 64 -25.06 -26.16 5.07
C ARG B 64 -23.75 -26.94 4.85
N ASN B 65 -22.69 -26.21 4.54
CA ASN B 65 -21.36 -26.79 4.39
C ASN B 65 -20.89 -27.18 5.80
N ILE B 66 -20.60 -28.46 6.01
CA ILE B 66 -20.13 -29.01 7.29
C ILE B 66 -18.59 -29.27 7.25
N LYS B 67 -17.87 -28.67 6.30
CA LYS B 67 -16.42 -28.77 6.25
C LYS B 67 -15.89 -27.46 6.79
N PRO B 68 -14.62 -27.37 7.26
CA PRO B 68 -14.11 -26.06 7.71
C PRO B 68 -14.17 -25.07 6.56
N VAL B 69 -14.92 -23.97 6.72
CA VAL B 69 -15.04 -22.98 5.65
C VAL B 69 -14.50 -21.62 6.08
N PRO B 70 -14.19 -20.69 5.14
CA PRO B 70 -13.77 -19.35 5.57
C PRO B 70 -14.86 -18.70 6.45
N GLU B 71 -14.45 -17.85 7.41
CA GLU B 71 -15.40 -17.16 8.25
C GLU B 71 -16.13 -16.14 7.40
N VAL B 72 -17.43 -15.97 7.64
CA VAL B 72 -18.29 -15.06 6.89
C VAL B 72 -17.69 -13.65 6.73
N LYS B 73 -17.04 -13.09 7.79
CA LYS B 73 -16.34 -11.79 7.66
C LYS B 73 -15.34 -11.79 6.49
N ILE B 74 -14.54 -12.84 6.31
CA ILE B 74 -13.57 -12.94 5.21
C ILE B 74 -14.29 -12.92 3.86
N LEU B 75 -15.32 -13.76 3.71
CA LEU B 75 -16.08 -13.86 2.47
C LEU B 75 -16.73 -12.55 2.11
N ASN B 76 -17.22 -11.82 3.09
CA ASN B 76 -17.88 -10.52 2.94
C ASN B 76 -16.85 -9.51 2.51
N ASN B 77 -15.68 -9.50 3.18
CA ASN B 77 -14.60 -8.58 2.86
C ASN B 77 -14.06 -8.79 1.47
N LEU B 78 -14.14 -10.02 0.95
CA LEU B 78 -13.71 -10.35 -0.40
C LEU B 78 -14.80 -10.17 -1.46
N GLY B 79 -15.96 -9.65 -1.09
CA GLY B 79 -17.03 -9.42 -2.02
C GLY B 79 -17.81 -10.62 -2.49
N VAL B 80 -17.82 -11.74 -1.72
CA VAL B 80 -18.56 -12.92 -2.13
C VAL B 80 -20.08 -12.69 -2.09
N ASP B 81 -20.73 -12.91 -3.22
CA ASP B 81 -22.17 -12.74 -3.34
C ASP B 81 -22.93 -14.03 -3.14
N ILE B 82 -22.36 -15.15 -3.59
CA ILE B 82 -23.03 -16.43 -3.62
C ILE B 82 -22.00 -17.56 -3.57
N ALA B 83 -22.40 -18.74 -3.14
CA ALA B 83 -21.49 -19.91 -3.11
C ALA B 83 -21.84 -20.88 -4.24
N ALA B 84 -20.82 -21.60 -4.79
CA ALA B 84 -21.05 -22.60 -5.82
C ALA B 84 -21.41 -23.93 -5.21
N ASN B 85 -22.69 -24.34 -5.33
CA ASN B 85 -23.24 -25.63 -4.95
C ASN B 85 -23.06 -26.03 -3.49
N THR B 86 -23.15 -25.08 -2.60
CA THR B 86 -23.08 -25.27 -1.15
C THR B 86 -23.79 -24.08 -0.48
N VAL B 87 -23.99 -24.16 0.84
CA VAL B 87 -24.57 -23.08 1.62
C VAL B 87 -23.59 -22.76 2.72
N ILE B 88 -23.12 -21.50 2.79
CA ILE B 88 -22.30 -21.08 3.90
C ILE B 88 -23.30 -20.61 4.93
N TRP B 89 -23.41 -21.35 6.01
CA TRP B 89 -24.31 -20.99 7.08
C TRP B 89 -23.61 -19.99 7.99
N ASP B 90 -24.31 -18.87 8.23
CA ASP B 90 -23.85 -17.81 9.11
C ASP B 90 -24.38 -18.10 10.50
N TYR B 91 -23.52 -18.65 11.36
CA TYR B 91 -23.92 -19.02 12.71
C TYR B 91 -24.03 -17.83 13.65
N LYS B 92 -23.43 -16.68 13.31
CA LYS B 92 -23.57 -15.48 14.11
C LYS B 92 -24.98 -14.87 13.91
N ARG B 93 -25.57 -15.05 12.73
CA ARG B 93 -26.89 -14.55 12.41
C ARG B 93 -27.96 -15.64 12.41
N ASP B 94 -27.59 -16.93 12.54
CA ASP B 94 -28.50 -18.07 12.43
C ASP B 94 -29.26 -18.02 11.11
N ALA B 95 -28.53 -17.71 10.03
CA ALA B 95 -29.13 -17.56 8.72
C ALA B 95 -28.13 -17.85 7.65
N PRO B 96 -28.59 -18.13 6.41
CA PRO B 96 -27.65 -18.32 5.30
C PRO B 96 -26.81 -17.05 5.10
N ALA B 97 -25.52 -17.21 4.79
CA ALA B 97 -24.62 -16.07 4.61
C ALA B 97 -24.91 -15.27 3.33
N HIS B 98 -25.55 -15.92 2.34
CA HIS B 98 -25.89 -15.39 1.02
C HIS B 98 -27.37 -15.60 0.73
N ILE B 99 -27.99 -14.64 0.04
CA ILE B 99 -29.42 -14.63 -0.27
C ILE B 99 -29.85 -15.80 -1.15
N SER B 100 -29.11 -15.99 -2.26
CA SER B 100 -29.40 -16.98 -3.27
C SER B 100 -28.40 -18.13 -3.22
N THR B 101 -28.78 -19.20 -3.89
CA THR B 101 -27.95 -20.39 -3.99
C THR B 101 -27.74 -20.79 -5.46
N ILE B 102 -26.79 -21.70 -5.68
CA ILE B 102 -26.53 -22.27 -6.99
C ILE B 102 -26.52 -23.77 -6.75
N GLY B 103 -27.46 -24.48 -7.35
CA GLY B 103 -27.57 -25.95 -7.26
C GLY B 103 -27.81 -26.50 -5.86
N VAL B 104 -28.61 -25.80 -5.04
CA VAL B 104 -28.88 -26.21 -3.66
C VAL B 104 -30.37 -26.41 -3.34
N CYS B 105 -31.20 -25.40 -3.54
CA CYS B 105 -32.59 -25.41 -3.17
C CYS B 105 -33.41 -24.76 -4.28
N SER B 106 -34.54 -25.34 -4.65
CA SER B 106 -35.35 -24.84 -5.76
C SER B 106 -35.95 -23.46 -5.51
N MET B 107 -36.15 -23.09 -4.23
CA MET B 107 -36.73 -21.80 -3.89
C MET B 107 -35.71 -20.67 -3.93
N THR B 108 -34.44 -20.96 -3.58
CA THR B 108 -33.41 -19.92 -3.55
C THR B 108 -32.44 -19.94 -4.73
N ASP B 109 -32.46 -21.01 -5.55
CA ASP B 109 -31.55 -21.14 -6.69
C ASP B 109 -31.81 -20.13 -7.77
N ILE B 110 -30.74 -19.45 -8.19
CA ILE B 110 -30.77 -18.56 -9.35
C ILE B 110 -30.26 -19.29 -10.61
N ALA B 111 -29.54 -20.43 -10.42
CA ALA B 111 -28.91 -21.29 -11.40
C ALA B 111 -28.63 -22.65 -10.77
N LYS B 112 -28.49 -23.70 -11.61
CA LYS B 112 -28.10 -25.03 -11.15
C LYS B 112 -26.55 -25.15 -11.16
N LYS B 113 -25.88 -24.47 -12.11
CA LYS B 113 -24.42 -24.50 -12.24
C LYS B 113 -23.87 -23.07 -12.28
N PRO B 114 -22.68 -22.83 -11.68
CA PRO B 114 -22.12 -21.48 -11.71
C PRO B 114 -21.68 -20.98 -13.08
N THR B 115 -21.71 -21.85 -14.10
CA THR B 115 -21.38 -21.50 -15.47
C THR B 115 -22.52 -20.77 -16.19
N GLU B 116 -23.76 -20.75 -15.60
CA GLU B 116 -24.91 -20.07 -16.17
C GLU B 116 -24.67 -18.58 -16.23
N THR B 117 -25.20 -17.90 -17.25
CA THR B 117 -24.90 -16.48 -17.46
C THR B 117 -25.36 -15.60 -16.29
N ILE B 118 -26.36 -16.03 -15.49
CA ILE B 118 -26.81 -15.23 -14.34
C ILE B 118 -25.69 -15.04 -13.29
N CYS B 119 -24.77 -15.99 -13.19
CA CYS B 119 -23.68 -15.98 -12.23
C CYS B 119 -22.48 -15.16 -12.64
N ALA B 120 -22.33 -14.88 -13.95
CA ALA B 120 -21.20 -14.13 -14.48
C ALA B 120 -20.89 -12.84 -13.74
N PRO B 121 -21.88 -11.94 -13.47
CA PRO B 121 -21.54 -10.71 -12.74
C PRO B 121 -21.40 -10.86 -11.22
N LEU B 122 -21.70 -12.04 -10.66
CA LEU B 122 -21.64 -12.27 -9.21
C LEU B 122 -20.32 -12.86 -8.81
N THR B 123 -19.79 -12.49 -7.63
CA THR B 123 -18.55 -13.09 -7.15
C THR B 123 -18.93 -14.41 -6.50
N VAL B 124 -18.74 -15.51 -7.23
CA VAL B 124 -19.07 -16.84 -6.77
C VAL B 124 -17.93 -17.42 -5.96
N PHE B 125 -18.25 -18.08 -4.84
CA PHE B 125 -17.26 -18.71 -4.00
C PHE B 125 -17.08 -20.13 -4.49
N PHE B 126 -15.82 -20.52 -4.76
CA PHE B 126 -15.44 -21.84 -5.23
C PHE B 126 -14.53 -22.47 -4.18
N ASP B 127 -14.72 -23.77 -3.98
CA ASP B 127 -13.98 -24.54 -2.99
C ASP B 127 -13.16 -25.57 -3.77
N GLY B 128 -11.86 -25.34 -3.78
CA GLY B 128 -10.91 -26.21 -4.46
C GLY B 128 -10.87 -27.62 -3.92
N ARG B 129 -11.43 -27.85 -2.71
CA ARG B 129 -11.50 -29.20 -2.14
C ARG B 129 -12.58 -30.09 -2.81
N VAL B 130 -13.50 -29.48 -3.56
CA VAL B 130 -14.56 -30.14 -4.31
C VAL B 130 -14.08 -30.29 -5.75
N ASP B 131 -14.30 -31.46 -6.34
CA ASP B 131 -13.89 -31.75 -7.70
C ASP B 131 -14.44 -30.75 -8.72
N GLY B 132 -13.56 -30.31 -9.62
CA GLY B 132 -13.88 -29.40 -10.71
C GLY B 132 -14.13 -27.95 -10.36
N GLN B 133 -13.99 -27.58 -9.07
CA GLN B 133 -14.27 -26.20 -8.66
C GLN B 133 -13.11 -25.24 -8.96
N VAL B 134 -11.87 -25.72 -8.98
CA VAL B 134 -10.73 -24.89 -9.36
C VAL B 134 -10.88 -24.52 -10.86
N ASP B 135 -11.36 -25.48 -11.70
CA ASP B 135 -11.61 -25.24 -13.12
C ASP B 135 -12.82 -24.32 -13.35
N LEU B 136 -13.87 -24.39 -12.51
CA LEU B 136 -15.04 -23.49 -12.61
C LEU B 136 -14.62 -22.05 -12.26
N PHE B 137 -13.68 -21.88 -11.32
CA PHE B 137 -13.14 -20.58 -10.97
C PHE B 137 -12.36 -20.04 -12.16
N ARG B 138 -11.51 -20.89 -12.78
CA ARG B 138 -10.71 -20.56 -13.95
C ARG B 138 -11.60 -20.09 -15.10
N ASN B 139 -12.79 -20.67 -15.23
CA ASN B 139 -13.72 -20.29 -16.29
C ASN B 139 -14.66 -19.15 -15.91
N ALA B 140 -14.78 -18.82 -14.61
CA ALA B 140 -15.67 -17.77 -14.13
C ALA B 140 -15.11 -16.37 -14.25
N ARG B 141 -16.01 -15.41 -14.48
CA ARG B 141 -15.67 -14.01 -14.62
C ARG B 141 -15.37 -13.44 -13.24
N ASN B 142 -16.27 -13.65 -12.26
CA ASN B 142 -16.07 -13.18 -10.90
C ASN B 142 -16.13 -14.33 -9.93
N GLY B 143 -15.21 -14.33 -8.98
CA GLY B 143 -15.16 -15.39 -7.99
C GLY B 143 -14.03 -15.31 -7.00
N VAL B 144 -14.16 -16.07 -5.93
CA VAL B 144 -13.16 -16.23 -4.89
C VAL B 144 -12.92 -17.73 -4.80
N LEU B 145 -11.66 -18.16 -4.81
CA LEU B 145 -11.33 -19.56 -4.73
C LEU B 145 -10.51 -19.83 -3.49
N ILE B 146 -10.84 -20.92 -2.78
CA ILE B 146 -10.01 -21.37 -1.67
C ILE B 146 -9.43 -22.73 -2.01
N THR B 147 -8.16 -22.93 -1.68
CA THR B 147 -7.54 -24.24 -1.89
C THR B 147 -6.71 -24.63 -0.66
N GLU B 148 -6.39 -25.92 -0.55
CA GLU B 148 -5.51 -26.44 0.47
C GLU B 148 -4.04 -26.44 -0.03
N GLY B 149 -3.84 -26.57 -1.34
CA GLY B 149 -2.50 -26.61 -1.92
C GLY B 149 -2.32 -25.61 -3.03
N SER B 150 -1.28 -25.81 -3.87
CA SER B 150 -0.99 -24.88 -4.95
C SER B 150 -1.87 -25.03 -6.21
N VAL B 151 -2.03 -23.94 -6.96
CA VAL B 151 -2.79 -23.92 -8.20
C VAL B 151 -1.81 -23.48 -9.30
N LYS B 152 -1.76 -24.25 -10.40
CA LYS B 152 -0.87 -23.99 -11.52
C LYS B 152 -1.06 -22.58 -12.09
N GLY B 153 0.04 -21.84 -12.15
CA GLY B 153 0.08 -20.48 -12.66
C GLY B 153 -0.25 -19.44 -11.61
N LEU B 154 -1.41 -19.62 -10.95
CA LEU B 154 -1.92 -18.72 -9.94
C LEU B 154 -1.07 -18.61 -8.70
N GLN B 155 -0.75 -17.37 -8.29
CA GLN B 155 -0.05 -17.10 -7.04
C GLN B 155 -1.07 -16.97 -5.93
N PRO B 156 -0.82 -17.63 -4.79
CA PRO B 156 -1.81 -17.61 -3.72
C PRO B 156 -1.65 -16.46 -2.74
N SER B 157 -2.70 -16.23 -1.98
CA SER B 157 -2.68 -15.31 -0.86
C SER B 157 -2.95 -16.23 0.33
N VAL B 158 -2.00 -16.38 1.26
CA VAL B 158 -2.19 -17.25 2.42
C VAL B 158 -3.20 -16.64 3.35
N GLY B 159 -4.32 -17.34 3.55
CA GLY B 159 -5.38 -16.84 4.40
C GLY B 159 -5.10 -17.00 5.88
N PRO B 160 -6.14 -16.78 6.71
CA PRO B 160 -5.95 -16.96 8.15
C PRO B 160 -5.75 -18.43 8.52
N LYS B 161 -5.11 -18.66 9.68
CA LYS B 161 -4.88 -20.00 10.21
C LYS B 161 -6.18 -20.72 10.54
N GLN B 162 -7.18 -19.95 10.99
CA GLN B 162 -8.45 -20.46 11.43
C GLN B 162 -9.56 -20.46 10.36
N ALA B 163 -10.53 -21.36 10.55
CA ALA B 163 -11.71 -21.44 9.72
C ALA B 163 -12.89 -21.83 10.63
N SER B 164 -14.13 -21.75 10.12
CA SER B 164 -15.33 -22.11 10.88
C SER B 164 -15.76 -23.53 10.52
N LEU B 165 -15.81 -24.44 11.48
CA LEU B 165 -16.30 -25.79 11.26
C LEU B 165 -17.58 -25.94 12.08
N ASN B 166 -18.74 -25.90 11.42
CA ASN B 166 -20.05 -25.99 12.08
C ASN B 166 -20.27 -24.92 13.13
N GLY B 167 -19.81 -23.71 12.84
CA GLY B 167 -19.94 -22.60 13.77
C GLY B 167 -18.84 -22.48 14.79
N VAL B 168 -17.91 -23.43 14.80
CA VAL B 168 -16.78 -23.38 15.73
C VAL B 168 -15.57 -22.85 14.99
N THR B 169 -15.09 -21.68 15.36
CA THR B 169 -13.89 -21.13 14.75
C THR B 169 -12.70 -21.79 15.43
N LEU B 170 -11.84 -22.42 14.63
CA LEU B 170 -10.71 -23.17 15.16
C LEU B 170 -9.54 -23.22 14.17
N ILE B 171 -8.35 -23.49 14.70
CA ILE B 171 -7.15 -23.71 13.92
C ILE B 171 -7.00 -25.22 13.92
N GLY B 172 -7.25 -25.81 12.75
CA GLY B 172 -7.28 -27.24 12.56
C GLY B 172 -6.01 -28.01 12.83
N GLU B 173 -6.16 -29.18 13.43
CA GLU B 173 -5.09 -30.12 13.72
C GLU B 173 -5.40 -31.43 13.00
N ALA B 174 -6.67 -31.86 13.03
CA ALA B 174 -7.11 -33.06 12.31
C ALA B 174 -7.67 -32.72 10.91
N VAL B 175 -7.84 -31.43 10.58
CA VAL B 175 -8.36 -30.90 9.32
C VAL B 175 -7.55 -29.66 8.95
N LYS B 176 -7.52 -29.33 7.65
CA LYS B 176 -6.81 -28.14 7.22
C LYS B 176 -7.78 -26.95 7.30
N THR B 177 -7.36 -25.86 7.97
CA THR B 177 -8.18 -24.64 8.08
C THR B 177 -7.53 -23.43 7.41
N GLN B 178 -6.19 -23.47 7.09
CA GLN B 178 -5.50 -22.37 6.43
C GLN B 178 -5.55 -22.59 4.93
N PHE B 179 -6.23 -21.69 4.21
CA PHE B 179 -6.43 -21.84 2.78
C PHE B 179 -5.65 -20.84 1.98
N ASN B 180 -5.46 -21.13 0.71
CA ASN B 180 -4.89 -20.21 -0.24
C ASN B 180 -6.11 -19.52 -0.85
N TYR B 181 -6.04 -18.20 -0.96
CA TYR B 181 -7.15 -17.43 -1.50
C TYR B 181 -6.79 -16.90 -2.85
N TYR B 182 -7.74 -16.99 -3.77
CA TYR B 182 -7.61 -16.46 -5.11
C TYR B 182 -8.87 -15.64 -5.39
N LYS B 183 -8.79 -14.63 -6.22
CA LYS B 183 -9.93 -13.76 -6.53
C LYS B 183 -9.83 -13.29 -7.96
N LYS B 184 -10.96 -13.23 -8.65
CA LYS B 184 -11.01 -12.79 -10.02
C LYS B 184 -12.09 -11.76 -10.13
N VAL B 185 -11.77 -10.63 -10.71
CA VAL B 185 -12.72 -9.56 -10.99
C VAL B 185 -12.69 -9.41 -12.52
N ASP B 186 -13.86 -9.51 -13.16
CA ASP B 186 -14.04 -9.39 -14.62
C ASP B 186 -13.05 -10.21 -15.46
N GLY B 187 -12.80 -11.43 -15.01
CA GLY B 187 -11.94 -12.39 -15.68
C GLY B 187 -10.46 -12.24 -15.39
N VAL B 188 -10.07 -11.23 -14.60
CA VAL B 188 -8.68 -10.99 -14.29
C VAL B 188 -8.36 -11.43 -12.88
N VAL B 189 -7.34 -12.29 -12.74
CA VAL B 189 -6.87 -12.75 -11.44
C VAL B 189 -6.29 -11.58 -10.71
N GLN B 190 -6.87 -11.26 -9.59
CA GLN B 190 -6.45 -10.13 -8.79
C GLN B 190 -5.23 -10.44 -7.98
N GLN B 191 -4.47 -9.39 -7.68
CA GLN B 191 -3.36 -9.51 -6.76
C GLN B 191 -3.98 -9.10 -5.43
N LEU B 192 -4.24 -10.05 -4.52
CA LEU B 192 -4.84 -9.70 -3.23
C LEU B 192 -3.83 -8.92 -2.39
N PRO B 193 -4.30 -7.97 -1.56
CA PRO B 193 -3.34 -7.13 -0.83
C PRO B 193 -2.68 -7.84 0.35
N GLU B 194 -1.56 -7.25 0.85
CA GLU B 194 -0.89 -7.64 2.10
C GLU B 194 -1.93 -7.37 3.19
N THR B 195 -2.12 -8.29 4.12
CA THR B 195 -3.16 -8.09 5.13
C THR B 195 -2.81 -8.68 6.45
N TYR B 196 -3.32 -8.04 7.47
CA TYR B 196 -3.28 -8.60 8.81
C TYR B 196 -4.56 -9.43 8.89
N PHE B 197 -4.63 -10.33 9.86
CA PHE B 197 -5.84 -11.10 10.08
C PHE B 197 -6.29 -10.94 11.51
N THR B 198 -7.62 -10.85 11.73
CA THR B 198 -8.14 -10.87 13.08
C THR B 198 -8.02 -12.34 13.58
N GLN B 199 -7.88 -12.52 14.90
CA GLN B 199 -7.65 -13.83 15.50
C GLN B 199 -8.91 -14.62 15.83
N SER B 200 -10.10 -13.98 15.78
CA SER B 200 -11.41 -14.62 16.02
C SER B 200 -11.52 -15.36 17.36
N ARG B 201 -10.96 -14.76 18.43
CA ARG B 201 -11.06 -15.34 19.75
C ARG B 201 -12.30 -14.88 20.52
N ASN B 202 -12.67 -15.63 21.59
CA ASN B 202 -13.79 -15.31 22.48
C ASN B 202 -13.26 -14.60 23.71
N LEU B 203 -14.13 -13.86 24.37
CA LEU B 203 -13.79 -13.16 25.59
C LEU B 203 -13.59 -14.14 26.78
N GLN B 204 -14.40 -15.23 26.81
CA GLN B 204 -14.39 -16.23 27.86
C GLN B 204 -13.25 -17.25 27.72
N GLU B 205 -13.03 -17.76 26.48
N GLU B 205 -13.03 -17.80 26.51
CA GLU B 205 -12.03 -18.78 26.15
CA GLU B 205 -11.96 -18.78 26.35
C GLU B 205 -10.80 -18.14 25.48
C GLU B 205 -10.78 -18.20 25.57
N PHE B 206 -10.32 -16.99 25.97
CA PHE B 206 -9.19 -16.32 25.34
C PHE B 206 -7.84 -16.99 25.65
N LYS B 207 -7.12 -17.36 24.60
CA LYS B 207 -5.82 -17.98 24.72
C LYS B 207 -4.77 -17.16 24.00
N PRO B 208 -3.67 -16.80 24.67
CA PRO B 208 -2.62 -16.01 24.00
C PRO B 208 -1.94 -16.79 22.87
N ARG B 209 -1.55 -16.08 21.80
CA ARG B 209 -0.92 -16.74 20.66
C ARG B 209 0.50 -16.20 20.37
N SER B 210 1.17 -15.65 21.41
CA SER B 210 2.53 -15.13 21.32
C SER B 210 3.11 -14.82 22.70
N GLN B 211 4.43 -14.69 22.82
CA GLN B 211 5.06 -14.36 24.09
C GLN B 211 4.61 -12.98 24.60
N MET B 212 4.34 -12.05 23.67
CA MET B 212 3.86 -10.73 24.06
C MET B 212 2.45 -10.84 24.64
N GLU B 213 1.60 -11.69 24.05
CA GLU B 213 0.24 -11.89 24.54
C GLU B 213 0.23 -12.59 25.89
N ILE B 214 1.18 -13.52 26.13
CA ILE B 214 1.33 -14.21 27.41
C ILE B 214 1.77 -13.20 28.47
N ASP B 215 2.71 -12.30 28.10
CA ASP B 215 3.22 -11.26 28.98
C ASP B 215 2.16 -10.22 29.30
N PHE B 216 1.27 -9.90 28.35
CA PHE B 216 0.21 -8.92 28.61
C PHE B 216 -0.76 -9.46 29.65
N LEU B 217 -1.14 -10.73 29.53
CA LEU B 217 -2.08 -11.34 30.44
C LEU B 217 -1.48 -11.63 31.82
N GLU B 218 -0.16 -11.87 31.90
CA GLU B 218 0.45 -12.22 33.19
C GLU B 218 1.05 -11.04 33.91
N LEU B 219 1.61 -10.06 33.19
CA LEU B 219 2.23 -8.90 33.83
C LEU B 219 1.25 -7.79 34.22
N ALA B 220 1.71 -6.90 35.10
CA ALA B 220 0.97 -5.72 35.52
C ALA B 220 1.12 -4.70 34.41
N MET B 221 0.15 -3.80 34.25
CA MET B 221 0.17 -2.79 33.18
C MET B 221 1.52 -2.07 32.97
N ASP B 222 2.08 -1.51 34.04
CA ASP B 222 3.33 -0.75 33.94
C ASP B 222 4.58 -1.62 33.74
N GLU B 223 4.50 -2.92 34.03
CA GLU B 223 5.62 -3.84 33.81
C GLU B 223 5.68 -4.17 32.32
N PHE B 224 4.51 -4.45 31.71
CA PHE B 224 4.40 -4.83 30.30
C PHE B 224 4.81 -3.67 29.40
N ILE B 225 4.27 -2.48 29.65
CA ILE B 225 4.58 -1.28 28.87
C ILE B 225 6.09 -0.98 28.93
N GLU B 226 6.72 -1.26 30.07
CA GLU B 226 8.15 -1.07 30.26
C GLU B 226 8.94 -2.10 29.44
N ARG B 227 8.61 -3.41 29.59
CA ARG B 227 9.28 -4.50 28.89
C ARG B 227 9.23 -4.35 27.36
N TYR B 228 8.09 -3.92 26.85
CA TYR B 228 7.91 -3.83 25.40
C TYR B 228 8.13 -2.44 24.81
N LYS B 229 8.68 -1.51 25.61
CA LYS B 229 9.01 -0.14 25.22
C LYS B 229 7.80 0.57 24.59
N LEU B 230 6.64 0.44 25.25
CA LEU B 230 5.41 1.05 24.74
C LEU B 230 5.04 2.36 25.41
N GLU B 231 6.00 3.01 26.06
CA GLU B 231 5.76 4.29 26.73
C GLU B 231 5.44 5.38 25.68
N GLY B 232 4.34 6.09 25.90
CA GLY B 232 3.90 7.13 24.97
C GLY B 232 2.98 6.66 23.86
N TYR B 233 2.52 5.39 23.92
CA TYR B 233 1.63 4.81 22.92
C TYR B 233 0.19 4.64 23.37
N ALA B 234 -0.17 5.17 24.54
CA ALA B 234 -1.51 5.15 25.13
C ALA B 234 -2.13 3.76 25.28
N PHE B 235 -1.30 2.75 25.59
CA PHE B 235 -1.82 1.40 25.82
C PHE B 235 -2.73 1.35 27.04
N GLU B 236 -2.43 2.19 28.05
CA GLU B 236 -3.23 2.33 29.26
C GLU B 236 -4.70 2.66 28.92
N HIS B 237 -4.91 3.54 27.93
CA HIS B 237 -6.21 3.93 27.44
C HIS B 237 -6.75 2.94 26.37
N ILE B 238 -6.02 2.74 25.25
CA ILE B 238 -6.39 1.91 24.12
C ILE B 238 -6.62 0.43 24.44
N VAL B 239 -5.63 -0.22 25.06
CA VAL B 239 -5.67 -1.66 25.30
C VAL B 239 -6.20 -2.01 26.67
N TYR B 240 -5.66 -1.41 27.73
CA TYR B 240 -6.07 -1.71 29.09
C TYR B 240 -7.46 -1.21 29.47
N GLY B 241 -7.79 -0.03 28.99
CA GLY B 241 -9.08 0.58 29.29
C GLY B 241 -9.03 1.49 30.49
N ASP B 242 -9.79 2.56 30.43
CA ASP B 242 -9.86 3.54 31.50
C ASP B 242 -11.27 3.48 32.07
N PHE B 243 -11.40 2.99 33.28
CA PHE B 243 -12.71 2.85 33.91
C PHE B 243 -12.93 3.88 35.02
N SER B 244 -12.19 5.00 34.99
CA SER B 244 -12.28 6.02 36.03
C SER B 244 -13.38 7.06 35.81
N HIS B 245 -13.80 7.28 34.56
CA HIS B 245 -14.86 8.24 34.27
C HIS B 245 -16.16 7.54 33.83
N SER B 246 -17.27 8.29 33.77
CA SER B 246 -18.56 7.73 33.36
C SER B 246 -18.48 7.12 31.96
N GLN B 247 -17.77 7.77 31.04
CA GLN B 247 -17.56 7.19 29.72
C GLN B 247 -16.26 6.37 29.77
N LEU B 248 -16.38 5.04 29.52
CA LEU B 248 -15.29 4.07 29.48
C LEU B 248 -14.32 4.52 28.40
N GLY B 249 -13.05 4.64 28.77
CA GLY B 249 -12.03 5.10 27.85
C GLY B 249 -11.29 3.98 27.18
N GLY B 250 -11.20 4.07 25.85
CA GLY B 250 -10.50 3.10 25.04
C GLY B 250 -11.10 1.72 25.05
N LEU B 251 -10.26 0.70 25.32
CA LEU B 251 -10.66 -0.70 25.39
C LEU B 251 -11.13 -1.21 24.00
N HIS B 252 -10.24 -1.11 23.02
CA HIS B 252 -10.57 -1.50 21.65
C HIS B 252 -9.93 -2.79 21.18
N LEU B 253 -9.15 -3.47 22.03
CA LEU B 253 -8.48 -4.71 21.64
C LEU B 253 -9.00 -5.84 22.47
N LEU B 254 -9.45 -6.94 21.82
CA LEU B 254 -10.03 -8.06 22.55
C LEU B 254 -9.19 -8.59 23.71
N ILE B 255 -7.85 -8.61 23.57
CA ILE B 255 -6.99 -9.09 24.64
C ILE B 255 -7.14 -8.23 25.93
N GLY B 256 -7.35 -6.93 25.77
CA GLY B 256 -7.56 -6.02 26.89
C GLY B 256 -8.88 -6.30 27.58
N LEU B 257 -9.92 -6.61 26.79
CA LEU B 257 -11.22 -6.97 27.33
C LEU B 257 -11.10 -8.32 28.08
N ALA B 258 -10.31 -9.25 27.54
CA ALA B 258 -10.12 -10.55 28.14
C ALA B 258 -9.40 -10.43 29.47
N LYS B 259 -8.36 -9.55 29.56
CA LYS B 259 -7.59 -9.38 30.79
C LYS B 259 -8.49 -8.82 31.91
N ARG B 260 -9.33 -7.82 31.54
CA ARG B 260 -10.29 -7.18 32.41
C ARG B 260 -11.32 -8.18 32.88
N PHE B 261 -11.84 -9.00 31.96
CA PHE B 261 -12.87 -9.98 32.23
C PHE B 261 -12.54 -11.00 33.31
N LYS B 262 -11.26 -11.36 33.47
CA LYS B 262 -10.84 -12.28 34.51
C LYS B 262 -11.02 -11.65 35.88
N GLU B 263 -10.73 -10.35 36.01
CA GLU B 263 -10.85 -9.66 37.29
C GLU B 263 -12.28 -9.17 37.59
N SER B 264 -12.87 -8.41 36.67
CA SER B 264 -14.20 -7.83 36.82
C SER B 264 -15.02 -8.18 35.58
N PRO B 265 -16.27 -8.62 35.77
CA PRO B 265 -17.13 -8.90 34.61
C PRO B 265 -17.75 -7.61 34.04
N PHE B 266 -18.28 -7.70 32.81
CA PHE B 266 -18.89 -6.53 32.16
C PHE B 266 -19.89 -6.96 31.10
N GLU B 267 -20.88 -6.12 30.84
CA GLU B 267 -21.92 -6.42 29.85
C GLU B 267 -21.51 -5.88 28.50
N LEU B 268 -21.55 -6.72 27.45
CA LEU B 268 -21.25 -6.26 26.09
C LEU B 268 -22.53 -6.43 25.31
N GLU B 269 -23.17 -5.35 24.88
CA GLU B 269 -24.38 -5.45 24.07
C GLU B 269 -24.00 -5.41 22.59
N ASP B 270 -24.13 -6.55 21.93
CA ASP B 270 -23.84 -6.72 20.52
C ASP B 270 -25.06 -6.23 19.74
N PHE B 271 -25.21 -4.92 19.55
CA PHE B 271 -26.39 -4.36 18.90
C PHE B 271 -26.46 -4.58 17.37
N ILE B 272 -25.37 -5.00 16.72
CA ILE B 272 -25.43 -5.40 15.31
C ILE B 272 -24.83 -6.79 15.26
N PRO B 273 -25.65 -7.82 15.53
CA PRO B 273 -25.10 -9.19 15.60
C PRO B 273 -24.84 -9.85 14.24
N MET B 274 -23.59 -9.77 13.84
CA MET B 274 -23.11 -10.28 12.58
C MET B 274 -21.60 -10.46 12.68
N ASP B 275 -21.01 -11.19 11.73
CA ASP B 275 -19.57 -11.41 11.72
C ASP B 275 -18.95 -10.22 11.03
N SER B 276 -18.06 -9.51 11.71
CA SER B 276 -17.32 -8.42 11.08
C SER B 276 -15.94 -8.26 11.67
N THR B 277 -14.97 -7.81 10.85
CA THR B 277 -13.58 -7.56 11.25
C THR B 277 -13.52 -6.68 12.50
N VAL B 278 -14.29 -5.58 12.47
CA VAL B 278 -14.44 -4.75 13.66
C VAL B 278 -15.85 -4.93 14.26
N LYS B 279 -15.91 -5.19 15.56
CA LYS B 279 -17.18 -5.38 16.26
C LYS B 279 -17.53 -4.19 17.11
N ASN B 280 -18.81 -3.83 17.23
CA ASN B 280 -19.24 -2.67 18.03
C ASN B 280 -20.08 -3.12 19.18
N TYR B 281 -19.75 -2.69 20.39
CA TYR B 281 -20.51 -3.11 21.58
C TYR B 281 -20.90 -1.98 22.47
N PHE B 282 -22.09 -2.06 23.05
CA PHE B 282 -22.50 -1.08 24.08
C PHE B 282 -21.99 -1.74 25.35
N ILE B 283 -20.87 -1.26 25.89
CA ILE B 283 -20.26 -1.89 27.06
C ILE B 283 -20.61 -1.18 28.37
N THR B 284 -20.88 -1.95 29.42
CA THR B 284 -21.13 -1.43 30.75
C THR B 284 -20.22 -2.21 31.70
N ASP B 285 -19.31 -1.54 32.40
CA ASP B 285 -18.41 -2.22 33.33
C ASP B 285 -19.15 -2.42 34.63
N ALA B 286 -19.34 -3.68 35.08
CA ALA B 286 -20.12 -3.94 36.29
C ALA B 286 -19.47 -3.43 37.58
N GLN B 287 -18.15 -3.43 37.66
CA GLN B 287 -17.43 -3.00 38.85
C GLN B 287 -17.52 -1.52 39.12
N THR B 288 -17.34 -0.71 38.07
CA THR B 288 -17.27 0.73 38.21
C THR B 288 -18.49 1.49 37.73
N GLY B 289 -19.22 0.93 36.79
CA GLY B 289 -20.34 1.64 36.17
C GLY B 289 -19.87 2.53 35.02
N SER B 290 -18.62 2.37 34.60
CA SER B 290 -18.06 3.07 33.46
C SER B 290 -18.72 2.43 32.24
N SER B 291 -19.20 3.21 31.26
CA SER B 291 -19.87 2.63 30.09
C SER B 291 -19.61 3.41 28.78
N LYS B 292 -19.86 2.79 27.62
CA LYS B 292 -19.69 3.41 26.31
C LYS B 292 -20.71 2.81 25.32
N CYS B 293 -21.52 3.66 24.67
CA CYS B 293 -22.54 3.20 23.72
C CYS B 293 -21.98 2.44 22.55
N VAL B 294 -20.91 2.96 21.95
CA VAL B 294 -20.29 2.31 20.82
C VAL B 294 -18.83 2.13 21.14
N CYS B 295 -18.45 0.92 21.52
CA CYS B 295 -17.07 0.58 21.80
C CYS B 295 -16.60 -0.40 20.74
N SER B 296 -15.87 0.10 19.74
CA SER B 296 -15.36 -0.74 18.68
C SER B 296 -14.23 -1.63 19.20
N VAL B 297 -14.30 -2.92 18.88
CA VAL B 297 -13.34 -3.92 19.35
C VAL B 297 -12.85 -4.70 18.15
N ILE B 298 -11.56 -4.87 18.09
CA ILE B 298 -10.92 -5.67 17.07
C ILE B 298 -10.04 -6.70 17.79
N ASP B 299 -9.98 -7.92 17.28
CA ASP B 299 -9.13 -8.94 17.87
C ASP B 299 -7.91 -9.13 17.01
N LEU B 300 -6.91 -8.29 17.21
CA LEU B 300 -5.65 -8.43 16.49
C LEU B 300 -4.68 -9.09 17.44
N LEU B 301 -3.71 -9.85 16.92
CA LEU B 301 -2.62 -10.39 17.74
C LEU B 301 -1.89 -9.18 18.31
N LEU B 302 -1.63 -9.13 19.63
CA LEU B 302 -1.03 -7.94 20.24
C LEU B 302 0.24 -7.44 19.50
N ASP B 303 1.02 -8.35 18.95
CA ASP B 303 2.22 -8.00 18.21
C ASP B 303 1.89 -7.25 16.92
N ASP B 304 0.79 -7.64 16.26
CA ASP B 304 0.33 -6.99 15.05
C ASP B 304 -0.19 -5.59 15.35
N PHE B 305 -0.89 -5.42 16.49
CA PHE B 305 -1.39 -4.12 16.89
C PHE B 305 -0.23 -3.20 17.26
N VAL B 306 0.77 -3.74 18.00
CA VAL B 306 1.98 -2.99 18.38
C VAL B 306 2.71 -2.54 17.13
N GLU B 307 2.85 -3.42 16.13
CA GLU B 307 3.48 -3.09 14.84
C GLU B 307 2.73 -1.95 14.10
N ILE B 308 1.39 -2.02 14.03
CA ILE B 308 0.56 -1.01 13.39
C ILE B 308 0.74 0.33 14.08
N ILE B 309 0.60 0.38 15.42
CA ILE B 309 0.68 1.64 16.13
C ILE B 309 2.10 2.23 16.10
N LYS B 310 3.14 1.39 16.10
CA LYS B 310 4.52 1.88 16.02
C LYS B 310 4.95 2.29 14.60
N SER B 311 4.15 1.98 13.58
CA SER B 311 4.44 2.35 12.19
C SER B 311 3.68 3.61 11.76
N GLN B 312 3.19 4.41 12.70
CA GLN B 312 2.45 5.63 12.40
C GLN B 312 3.20 6.88 12.76
N ASP B 313 2.96 7.92 11.99
CA ASP B 313 3.53 9.22 12.23
C ASP B 313 2.73 9.85 13.40
N LEU B 314 3.41 10.20 14.50
CA LEU B 314 2.74 10.77 15.66
C LEU B 314 2.79 12.29 15.74
N SER B 315 3.01 12.98 14.61
CA SER B 315 3.12 14.43 14.60
C SER B 315 1.81 15.18 14.27
N VAL B 316 0.73 14.45 13.97
CA VAL B 316 -0.55 15.10 13.61
C VAL B 316 -1.52 15.06 14.78
N VAL B 317 -2.45 16.00 14.84
CA VAL B 317 -3.44 16.02 15.92
C VAL B 317 -4.48 14.90 15.73
N SER B 318 -5.00 14.75 14.50
CA SER B 318 -5.99 13.74 14.18
C SER B 318 -5.97 13.38 12.72
N LYS B 319 -5.85 12.09 12.42
CA LYS B 319 -5.87 11.61 11.05
C LYS B 319 -6.45 10.21 10.96
N VAL B 320 -6.89 9.84 9.76
CA VAL B 320 -7.41 8.52 9.51
C VAL B 320 -6.23 7.65 9.11
N VAL B 321 -6.06 6.51 9.77
CA VAL B 321 -5.00 5.55 9.48
C VAL B 321 -5.68 4.33 8.89
N LYS B 322 -5.47 4.04 7.62
CA LYS B 322 -6.08 2.89 6.98
C LYS B 322 -5.17 1.65 7.09
N VAL B 323 -5.71 0.53 7.59
CA VAL B 323 -4.95 -0.72 7.74
C VAL B 323 -5.68 -1.86 7.05
N THR B 324 -4.99 -2.70 6.26
CA THR B 324 -5.66 -3.85 5.61
C THR B 324 -5.74 -5.03 6.57
N ILE B 325 -6.98 -5.36 7.00
CA ILE B 325 -7.25 -6.44 7.93
C ILE B 325 -8.36 -7.28 7.34
N ASP B 326 -8.15 -8.61 7.25
CA ASP B 326 -9.09 -9.59 6.72
C ASP B 326 -9.47 -9.26 5.29
N TYR B 327 -8.48 -8.76 4.50
CA TYR B 327 -8.53 -8.31 3.09
C TYR B 327 -9.32 -7.01 2.87
N THR B 328 -9.88 -6.41 3.94
CA THR B 328 -10.62 -5.16 3.81
C THR B 328 -9.86 -3.97 4.39
N GLU B 329 -10.21 -2.77 3.93
CA GLU B 329 -9.58 -1.56 4.43
C GLU B 329 -10.30 -1.08 5.66
N ILE B 330 -9.64 -1.17 6.83
CA ILE B 330 -10.19 -0.71 8.10
C ILE B 330 -9.58 0.65 8.45
N SER B 331 -10.43 1.66 8.59
CA SER B 331 -10.02 2.99 8.98
C SER B 331 -9.92 3.08 10.49
N PHE B 332 -8.82 3.62 10.96
CA PHE B 332 -8.60 3.87 12.37
C PHE B 332 -8.50 5.36 12.56
N MET B 333 -8.70 5.83 13.78
CA MET B 333 -8.58 7.23 14.08
C MET B 333 -7.38 7.38 14.99
N LEU B 334 -6.37 8.11 14.57
CA LEU B 334 -5.18 8.32 15.39
C LEU B 334 -5.17 9.75 15.92
N TRP B 335 -5.14 9.90 17.25
CA TRP B 335 -5.10 11.19 17.90
C TRP B 335 -3.81 11.32 18.68
N CYS B 336 -2.99 12.31 18.35
CA CYS B 336 -1.72 12.51 19.02
C CYS B 336 -1.63 13.89 19.67
N LYS B 337 -0.62 14.09 20.54
CA LYS B 337 -0.35 15.36 21.22
C LYS B 337 1.11 15.34 21.65
N ASP B 338 1.89 16.36 21.26
CA ASP B 338 3.30 16.46 21.63
C ASP B 338 4.14 15.21 21.30
N GLY B 339 3.84 14.57 20.17
CA GLY B 339 4.56 13.39 19.72
C GLY B 339 4.17 12.07 20.36
N HIS B 340 3.17 12.10 21.24
CA HIS B 340 2.71 10.88 21.89
C HIS B 340 1.28 10.56 21.51
N VAL B 341 0.92 9.27 21.51
CA VAL B 341 -0.44 8.85 21.21
C VAL B 341 -1.36 9.21 22.35
N GLU B 342 -2.55 9.66 22.01
CA GLU B 342 -3.59 9.96 22.99
C GLU B 342 -4.63 8.84 22.88
N THR B 343 -5.08 8.54 21.65
CA THR B 343 -5.98 7.44 21.35
C THR B 343 -5.78 6.95 19.91
N PHE B 344 -6.16 5.72 19.65
CA PHE B 344 -6.08 5.02 18.38
C PHE B 344 -7.22 4.02 18.44
N TYR B 345 -8.20 4.15 17.55
CA TYR B 345 -9.37 3.27 17.62
C TYR B 345 -9.96 2.97 16.25
N PRO B 346 -10.55 1.79 16.03
CA PRO B 346 -11.20 1.51 14.74
C PRO B 346 -12.36 2.46 14.51
N LYS B 347 -12.16 3.47 13.64
CA LYS B 347 -13.06 4.59 13.30
C LYS B 347 -14.53 4.20 13.12
N LEU B 348 -15.40 4.81 13.96
CA LEU B 348 -16.86 4.62 13.99
C LEU B 348 -17.47 5.54 12.91
N GLN B 349 -18.18 4.94 11.94
CA GLN B 349 -18.76 5.69 10.82
C GLN B 349 -20.26 5.38 10.63
C10 JOV C . 20.84 24.54 -27.22
C13 JOV C . 22.63 24.27 -25.14
C01 JOV C . 24.54 28.98 -28.79
C02 JOV C . 23.90 27.79 -29.52
C03 JOV C . 25.03 27.08 -30.27
C04 JOV C . 22.87 28.31 -30.53
O05 JOV C . 21.86 29.00 -29.88
N06 JOV C . 23.31 26.92 -28.50
C07 JOV C . 22.63 25.64 -28.68
O08 JOV C . 22.44 25.12 -29.73
C09 JOV C . 22.14 24.96 -27.39
C11 JOV C . 20.42 23.99 -26.01
C12 JOV C . 21.33 23.85 -24.97
C14 JOV C . 23.03 24.83 -26.34
CL15 JOV C . 23.86 24.10 -23.84
C10 JOV D . -19.90 -11.14 29.56
C13 JOV D . -21.96 -10.29 27.92
C01 JOV D . -23.37 -11.24 34.01
C02 JOV D . -22.84 -9.90 33.53
C03 JOV D . -24.03 -8.92 33.60
C04 JOV D . -21.73 -9.42 34.47
O05 JOV D . -21.34 -8.09 34.21
N06 JOV D . -22.39 -10.04 32.14
C07 JOV D . -21.44 -11.01 31.59
O08 JOV D . -20.85 -11.79 32.26
C09 JOV D . -21.17 -10.93 30.10
C11 JOV D . -19.67 -10.96 28.20
C12 JOV D . -20.71 -10.54 27.38
C14 JOV D . -22.19 -10.47 29.28
CL15 JOV D . -23.34 -9.77 26.91
#